data_6Y1H
#
_entry.id   6Y1H
#
_entity_poly.entity_id   1
_entity_poly.type   'polypeptide(L)'
_entity_poly.pdbx_seq_one_letter_code
;NLTKQKEAVNDKGKAAVVKVVESQAELYSLEKNEDASLRKLQADGRITEEQAKAYKEYHDKNGGANRKVND
;
_entity_poly.pdbx_strand_id   A
#
# COMPACT_ATOMS: atom_id res chain seq x y z
N ASN A 1 9.10 -3.71 17.95
CA ASN A 1 9.90 -2.81 18.81
C ASN A 1 10.60 -1.76 17.95
N LEU A 2 10.00 -1.45 16.81
CA LEU A 2 10.57 -0.47 15.90
C LEU A 2 9.73 0.81 15.89
N THR A 3 10.37 1.94 16.19
CA THR A 3 9.66 3.22 16.21
C THR A 3 10.39 4.24 15.35
N LYS A 4 9.66 5.28 14.94
CA LYS A 4 10.25 6.32 14.11
C LYS A 4 9.84 7.71 14.60
N GLN A 5 10.84 8.54 14.92
CA GLN A 5 10.58 9.90 15.40
C GLN A 5 11.02 10.94 14.39
N LYS A 6 11.72 10.51 13.34
CA LYS A 6 12.21 11.43 12.32
C LYS A 6 11.08 11.86 11.39
N GLU A 7 11.34 12.88 10.57
CA GLU A 7 10.33 13.38 9.64
C GLU A 7 11.00 13.85 8.34
N ALA A 8 10.20 13.95 7.27
CA ALA A 8 10.73 14.38 5.98
C ALA A 8 9.72 15.29 5.27
N VAL A 9 10.24 16.24 4.50
CA VAL A 9 9.38 17.18 3.78
C VAL A 9 8.50 16.46 2.75
N ASN A 10 9.09 15.55 1.99
CA ASN A 10 8.32 14.82 0.97
C ASN A 10 7.99 13.41 1.42
N ASP A 11 9.01 12.58 1.44
CA ASP A 11 8.84 11.18 1.83
C ASP A 11 10.14 10.61 2.36
N LYS A 12 10.06 9.36 2.80
CA LYS A 12 11.21 8.68 3.35
C LYS A 12 11.65 7.51 2.47
N GLY A 13 10.69 6.93 1.75
CA GLY A 13 11.01 5.80 0.88
C GLY A 13 9.98 4.68 1.02
N LYS A 14 10.47 3.45 1.09
CA LYS A 14 9.58 2.31 1.22
C LYS A 14 8.69 2.42 2.46
N ALA A 15 9.13 3.18 3.45
CA ALA A 15 8.33 3.34 4.67
C ALA A 15 7.17 4.30 4.41
N ALA A 16 7.50 5.53 4.09
CA ALA A 16 6.47 6.54 3.82
C ALA A 16 5.62 6.14 2.62
N VAL A 17 6.28 5.57 1.61
CA VAL A 17 5.55 5.16 0.42
C VAL A 17 4.50 4.14 0.80
N VAL A 18 4.93 3.05 1.41
CA VAL A 18 4.00 2.00 1.80
C VAL A 18 2.97 2.58 2.75
N LYS A 19 3.43 3.42 3.63
CA LYS A 19 2.57 4.04 4.60
C LYS A 19 1.48 4.87 3.94
N VAL A 20 1.83 5.59 2.87
CA VAL A 20 0.81 6.38 2.20
C VAL A 20 -0.11 5.48 1.43
N VAL A 21 0.41 4.37 0.91
CA VAL A 21 -0.42 3.45 0.18
C VAL A 21 -1.45 2.85 1.16
N GLU A 22 -0.95 2.33 2.30
CA GLU A 22 -1.82 1.73 3.33
C GLU A 22 -2.79 2.75 3.86
N SER A 23 -2.30 3.91 4.25
CA SER A 23 -3.18 4.91 4.81
C SER A 23 -4.18 5.42 3.78
N GLN A 24 -3.71 5.64 2.56
CA GLN A 24 -4.57 6.13 1.47
C GLN A 24 -5.66 5.13 1.18
N ALA A 25 -5.26 3.89 1.12
CA ALA A 25 -6.19 2.82 0.87
C ALA A 25 -7.12 2.62 2.05
N GLU A 26 -6.56 2.69 3.22
CA GLU A 26 -7.34 2.50 4.41
C GLU A 26 -8.61 3.30 4.26
N LEU A 27 -8.48 4.50 3.73
CA LEU A 27 -9.64 5.30 3.51
C LEU A 27 -10.44 4.77 2.42
N TYR A 28 -9.82 4.22 1.40
CA TYR A 28 -10.61 3.71 0.35
C TYR A 28 -11.83 3.01 0.97
N SER A 29 -11.62 2.05 1.84
CA SER A 29 -12.76 1.45 2.56
C SER A 29 -13.58 2.50 3.29
N LEU A 30 -12.93 3.45 3.97
CA LEU A 30 -13.68 4.49 4.65
C LEU A 30 -14.59 5.16 3.63
N GLU A 31 -13.99 5.89 2.71
CA GLU A 31 -14.75 6.54 1.67
C GLU A 31 -15.53 5.43 0.88
N LYS A 32 -14.88 4.87 -0.18
CA LYS A 32 -15.41 3.70 -0.98
C LYS A 32 -16.62 3.06 -0.29
N ASN A 33 -16.36 2.64 0.99
CA ASN A 33 -17.35 1.98 1.86
C ASN A 33 -17.52 0.50 1.52
N GLU A 34 -16.48 -0.12 0.95
CA GLU A 34 -16.57 -1.54 0.61
C GLU A 34 -15.40 -2.33 1.21
N ASP A 35 -14.26 -2.31 0.53
CA ASP A 35 -13.08 -3.02 0.99
C ASP A 35 -11.87 -2.73 0.07
N ALA A 36 -11.20 -3.81 -0.45
CA ALA A 36 -10.00 -3.72 -1.31
C ALA A 36 -9.24 -2.45 -1.12
N SER A 37 -8.47 -2.07 -2.14
CA SER A 37 -7.70 -0.87 -2.07
C SER A 37 -6.73 -0.74 -3.22
N LEU A 38 -5.61 -1.43 -3.11
CA LEU A 38 -4.60 -1.39 -4.15
C LEU A 38 -5.17 -1.29 -5.52
N ARG A 39 -5.63 -2.40 -6.03
CA ARG A 39 -6.12 -2.44 -7.38
C ARG A 39 -7.03 -1.27 -7.65
N LYS A 40 -7.74 -0.81 -6.65
CA LYS A 40 -8.66 0.29 -6.82
C LYS A 40 -7.95 1.66 -6.81
N LEU A 41 -7.14 1.96 -5.80
CA LEU A 41 -6.45 3.24 -5.78
C LEU A 41 -5.71 3.31 -7.10
N GLN A 42 -5.15 2.15 -7.47
CA GLN A 42 -4.48 1.96 -8.73
C GLN A 42 -5.48 2.09 -9.85
N ALA A 43 -6.66 1.57 -9.57
CA ALA A 43 -7.70 1.60 -10.57
C ALA A 43 -7.90 3.04 -11.00
N ASP A 44 -7.93 3.90 -9.98
CA ASP A 44 -8.05 5.33 -10.17
C ASP A 44 -6.69 5.85 -10.58
N GLY A 45 -5.68 5.04 -10.27
CA GLY A 45 -4.32 5.32 -10.63
C GLY A 45 -3.56 6.20 -9.66
N ARG A 46 -4.16 6.61 -8.52
CA ARG A 46 -3.42 7.42 -7.53
C ARG A 46 -2.02 6.90 -7.43
N ILE A 47 -1.92 5.65 -6.97
CA ILE A 47 -0.65 5.00 -6.88
C ILE A 47 -0.53 4.06 -8.03
N THR A 48 0.42 4.35 -8.86
CA THR A 48 0.63 3.54 -10.01
C THR A 48 1.02 2.16 -9.55
N GLU A 49 1.27 1.27 -10.46
CA GLU A 49 1.61 -0.08 -10.07
C GLU A 49 3.06 -0.18 -9.65
N GLU A 50 3.76 0.93 -9.66
CA GLU A 50 5.15 0.88 -9.26
C GLU A 50 5.28 0.66 -7.76
N GLN A 51 4.59 1.47 -6.97
CA GLN A 51 4.61 1.34 -5.54
C GLN A 51 3.57 0.39 -5.09
N ALA A 52 2.42 0.42 -5.77
CA ALA A 52 1.33 -0.43 -5.40
C ALA A 52 1.69 -1.83 -5.62
N LYS A 53 2.35 -2.13 -6.72
CA LYS A 53 2.70 -3.47 -6.94
C LYS A 53 3.67 -3.86 -5.86
N ALA A 54 4.53 -2.91 -5.54
CA ALA A 54 5.49 -3.15 -4.50
C ALA A 54 4.71 -3.48 -3.25
N TYR A 55 3.61 -2.76 -3.01
CA TYR A 55 2.83 -3.03 -1.82
C TYR A 55 2.14 -4.35 -1.91
N LYS A 56 1.66 -4.68 -3.09
CA LYS A 56 1.00 -5.93 -3.29
C LYS A 56 1.93 -7.02 -2.81
N GLU A 57 3.22 -6.77 -3.02
CA GLU A 57 4.26 -7.66 -2.58
C GLU A 57 4.45 -7.54 -1.06
N TYR A 58 4.27 -6.33 -0.55
CA TYR A 58 4.43 -6.10 0.89
C TYR A 58 3.37 -6.82 1.68
N HIS A 59 2.12 -6.70 1.24
CA HIS A 59 1.02 -7.35 1.94
C HIS A 59 0.85 -8.79 1.52
N ASP A 60 0.34 -8.94 0.31
CA ASP A 60 0.07 -10.23 -0.29
C ASP A 60 1.32 -10.94 -0.69
N LYS A 61 2.39 -10.18 -0.96
CA LYS A 61 3.56 -10.79 -1.49
C LYS A 61 3.20 -11.28 -2.87
N ASN A 62 2.52 -10.37 -3.56
CA ASN A 62 2.03 -10.57 -4.89
C ASN A 62 1.05 -11.74 -4.95
N GLY A 63 0.37 -11.97 -3.83
CA GLY A 63 -0.62 -13.04 -3.74
C GLY A 63 -1.77 -12.80 -4.71
N GLY A 64 -2.17 -11.53 -4.83
CA GLY A 64 -3.28 -11.16 -5.71
C GLY A 64 -4.60 -11.10 -4.96
N ALA A 65 -4.59 -11.49 -3.69
CA ALA A 65 -5.79 -11.47 -2.86
C ALA A 65 -6.28 -10.03 -2.65
N ASN A 66 -7.59 -9.90 -2.48
CA ASN A 66 -8.20 -8.59 -2.24
C ASN A 66 -8.01 -8.15 -0.79
N ARG A 67 -8.57 -6.96 -0.47
CA ARG A 67 -8.49 -6.34 0.88
C ARG A 67 -7.24 -5.57 0.99
N LYS A 68 -6.15 -6.32 0.84
CA LYS A 68 -4.78 -5.81 0.96
C LYS A 68 -4.66 -4.78 2.05
N VAL A 69 -5.16 -3.56 1.83
CA VAL A 69 -5.05 -2.57 2.85
C VAL A 69 -6.32 -1.83 3.04
N ASN A 70 -7.18 -2.37 3.85
CA ASN A 70 -8.44 -1.73 4.07
C ASN A 70 -9.29 -2.53 5.03
N ASP A 71 -10.59 -2.24 5.07
CA ASP A 71 -11.47 -2.95 5.97
C ASP A 71 -12.90 -2.45 5.84
N ASN A 1 7.72 3.63 20.72
CA ASN A 1 9.08 3.03 20.68
C ASN A 1 9.43 2.67 19.24
N LEU A 2 10.70 2.86 18.88
CA LEU A 2 11.15 2.56 17.52
C LEU A 2 12.64 2.21 17.51
N THR A 3 13.14 1.83 16.35
CA THR A 3 14.55 1.46 16.22
C THR A 3 15.19 2.23 15.06
N LYS A 4 16.52 2.33 15.08
CA LYS A 4 17.23 3.04 14.03
C LYS A 4 18.12 2.09 13.22
N GLN A 5 17.93 2.10 11.91
CA GLN A 5 18.72 1.25 11.03
C GLN A 5 18.78 1.86 9.63
N LYS A 6 19.80 1.49 8.86
CA LYS A 6 19.95 2.02 7.51
C LYS A 6 19.50 0.98 6.49
N GLU A 7 18.43 1.30 5.77
CA GLU A 7 17.89 0.39 4.76
C GLU A 7 18.88 0.20 3.61
N ALA A 8 19.55 1.28 3.23
CA ALA A 8 20.53 1.23 2.14
C ALA A 8 19.85 0.86 0.82
N VAL A 9 18.64 1.38 0.62
CA VAL A 9 17.89 1.12 -0.60
C VAL A 9 17.31 2.41 -1.16
N ASN A 10 16.91 2.38 -2.43
CA ASN A 10 16.35 3.58 -3.06
C ASN A 10 14.91 3.79 -2.62
N ASP A 11 14.40 2.90 -1.78
CA ASP A 11 13.05 3.00 -1.27
C ASP A 11 13.05 3.55 0.14
N LYS A 12 12.05 4.34 0.45
CA LYS A 12 11.95 4.93 1.77
C LYS A 12 11.85 3.84 2.83
N GLY A 13 11.11 2.79 2.53
CA GLY A 13 10.94 1.70 3.47
C GLY A 13 9.86 0.74 3.02
N LYS A 14 9.83 -0.44 3.62
CA LYS A 14 8.81 -1.39 3.26
C LYS A 14 7.49 -0.80 3.69
N ALA A 15 7.33 -0.59 4.99
CA ALA A 15 6.13 0.02 5.52
C ALA A 15 5.99 1.39 4.84
N ALA A 16 6.40 2.48 5.52
CA ALA A 16 6.35 3.86 4.98
C ALA A 16 5.68 3.96 3.61
N VAL A 17 6.37 3.54 2.56
CA VAL A 17 5.80 3.65 1.23
C VAL A 17 4.49 2.87 1.15
N VAL A 18 4.52 1.64 1.59
CA VAL A 18 3.33 0.83 1.62
C VAL A 18 2.34 1.51 2.56
N LYS A 19 2.89 2.05 3.62
CA LYS A 19 2.11 2.71 4.64
C LYS A 19 1.27 3.85 4.07
N VAL A 20 1.85 4.66 3.18
CA VAL A 20 1.07 5.75 2.61
C VAL A 20 -0.05 5.19 1.74
N VAL A 21 0.16 3.99 1.21
CA VAL A 21 -0.87 3.38 0.38
C VAL A 21 -1.94 2.77 1.28
N GLU A 22 -1.52 2.15 2.39
CA GLU A 22 -2.46 1.60 3.36
C GLU A 22 -3.28 2.72 3.86
N SER A 23 -2.62 3.85 4.06
CA SER A 23 -3.27 5.02 4.55
C SER A 23 -3.96 5.83 3.42
N GLN A 24 -3.70 5.45 2.15
CA GLN A 24 -4.40 6.10 1.04
C GLN A 24 -5.74 5.43 0.88
N ALA A 25 -5.63 4.14 0.82
CA ALA A 25 -6.74 3.29 0.70
C ALA A 25 -7.53 3.28 1.98
N GLU A 26 -6.83 3.33 3.10
CA GLU A 26 -7.50 3.30 4.38
C GLU A 26 -8.64 4.28 4.33
N LEU A 27 -8.38 5.48 3.86
CA LEU A 27 -9.46 6.42 3.80
C LEU A 27 -10.51 5.89 2.94
N TYR A 28 -10.15 5.17 1.91
CA TYR A 28 -11.20 4.71 1.04
C TYR A 28 -12.30 4.06 1.86
N SER A 29 -11.91 3.27 2.79
CA SER A 29 -12.86 2.65 3.70
C SER A 29 -13.65 3.73 4.42
N LEU A 30 -12.95 4.81 4.80
CA LEU A 30 -13.61 5.93 5.45
C LEU A 30 -14.59 6.60 4.46
N GLU A 31 -14.04 6.96 3.31
CA GLU A 31 -14.79 7.56 2.25
C GLU A 31 -15.47 6.44 1.40
N LYS A 32 -14.79 6.07 0.30
CA LYS A 32 -15.15 4.96 -0.62
C LYS A 32 -16.21 3.98 -0.10
N ASN A 33 -16.11 3.67 1.20
CA ASN A 33 -16.98 2.70 1.89
C ASN A 33 -16.45 1.28 1.69
N GLU A 34 -16.54 0.73 0.48
CA GLU A 34 -16.04 -0.61 0.26
C GLU A 34 -15.36 -0.72 -1.10
N ASP A 35 -14.04 -0.73 -1.09
CA ASP A 35 -13.28 -0.84 -2.33
C ASP A 35 -11.95 -1.58 -2.11
N ALA A 36 -11.70 -1.96 -0.85
CA ALA A 36 -10.49 -2.67 -0.45
C ALA A 36 -9.88 -3.51 -1.53
N SER A 37 -8.71 -3.03 -1.97
CA SER A 37 -7.92 -3.70 -2.98
C SER A 37 -6.94 -2.74 -3.62
N LEU A 38 -5.69 -2.85 -3.23
CA LEU A 38 -4.65 -2.02 -3.78
C LEU A 38 -4.47 -2.39 -5.22
N ARG A 39 -5.06 -3.50 -5.59
CA ARG A 39 -4.99 -3.98 -6.93
C ARG A 39 -5.96 -3.22 -7.78
N LYS A 40 -7.15 -3.08 -7.26
CA LYS A 40 -8.23 -2.44 -7.96
C LYS A 40 -8.19 -0.93 -7.92
N LEU A 41 -8.05 -0.35 -6.72
CA LEU A 41 -8.01 1.08 -6.67
C LEU A 41 -6.91 1.49 -7.61
N GLN A 42 -5.79 0.77 -7.52
CA GLN A 42 -4.71 1.00 -8.35
C GLN A 42 -5.09 0.62 -9.77
N ALA A 43 -5.89 -0.44 -9.93
CA ALA A 43 -6.26 -0.85 -11.26
C ALA A 43 -6.69 0.37 -12.06
N ASP A 44 -7.37 1.28 -11.34
CA ASP A 44 -7.82 2.53 -11.94
C ASP A 44 -6.61 3.36 -12.33
N GLY A 45 -5.61 3.40 -11.43
CA GLY A 45 -4.38 4.14 -11.70
C GLY A 45 -4.18 5.32 -10.71
N ARG A 46 -4.99 5.36 -9.68
CA ARG A 46 -4.91 6.35 -8.60
C ARG A 46 -3.46 6.47 -8.08
N ILE A 47 -2.94 5.30 -7.80
CA ILE A 47 -1.60 5.11 -7.23
C ILE A 47 -0.65 4.42 -8.17
N THR A 48 -0.89 4.58 -9.47
CA THR A 48 -0.07 3.94 -10.51
C THR A 48 0.51 2.56 -10.07
N GLU A 49 1.15 1.87 -10.97
CA GLU A 49 1.67 0.56 -10.62
C GLU A 49 3.01 0.63 -9.89
N GLU A 50 3.66 1.78 -9.97
CA GLU A 50 4.97 1.92 -9.33
C GLU A 50 4.90 1.81 -7.79
N GLN A 51 3.99 2.55 -7.16
CA GLN A 51 3.90 2.51 -5.73
C GLN A 51 3.08 1.35 -5.31
N ALA A 52 2.24 0.87 -6.21
CA ALA A 52 1.49 -0.29 -5.91
C ALA A 52 2.44 -1.44 -5.96
N LYS A 53 3.51 -1.25 -6.77
CA LYS A 53 4.54 -2.23 -6.84
C LYS A 53 5.23 -2.24 -5.53
N ALA A 54 5.18 -1.10 -4.85
CA ALA A 54 5.73 -1.03 -3.54
C ALA A 54 4.90 -1.99 -2.69
N TYR A 55 3.59 -2.08 -2.99
CA TYR A 55 2.73 -3.00 -2.25
C TYR A 55 2.95 -4.43 -2.71
N LYS A 56 3.15 -4.61 -4.01
CA LYS A 56 3.46 -5.91 -4.54
C LYS A 56 4.88 -6.29 -4.03
N GLU A 57 5.53 -5.25 -3.49
CA GLU A 57 6.80 -5.40 -2.81
C GLU A 57 6.46 -5.66 -1.36
N TYR A 58 5.36 -5.08 -0.89
CA TYR A 58 4.97 -5.32 0.48
C TYR A 58 4.87 -6.83 0.61
N HIS A 59 4.25 -7.44 -0.41
CA HIS A 59 4.08 -8.90 -0.47
C HIS A 59 5.33 -9.65 -0.95
N ASP A 60 5.86 -9.27 -2.12
CA ASP A 60 7.02 -9.95 -2.67
C ASP A 60 8.15 -9.84 -1.73
N LYS A 61 8.30 -8.67 -1.15
CA LYS A 61 9.36 -8.49 -0.24
C LYS A 61 9.08 -9.24 1.02
N ASN A 62 8.04 -8.81 1.71
CA ASN A 62 7.72 -9.46 2.93
C ASN A 62 6.41 -8.97 3.52
N GLY A 63 5.34 -9.63 3.10
CA GLY A 63 3.99 -9.30 3.59
C GLY A 63 2.93 -9.75 2.58
N GLY A 64 1.86 -8.95 2.47
CA GLY A 64 0.78 -9.25 1.51
C GLY A 64 -0.36 -10.04 2.14
N ALA A 65 -1.57 -9.76 1.65
CA ALA A 65 -2.79 -10.43 2.12
C ALA A 65 -4.03 -9.67 1.63
N ASN A 66 -4.97 -10.39 1.00
CA ASN A 66 -6.23 -9.79 0.50
C ASN A 66 -5.97 -8.42 -0.11
N ARG A 67 -7.04 -7.63 -0.19
CA ARG A 67 -6.99 -6.31 -0.73
C ARG A 67 -5.65 -5.69 -0.46
N LYS A 68 -5.46 -5.34 0.81
CA LYS A 68 -4.31 -4.68 1.27
C LYS A 68 -4.63 -4.14 2.65
N VAL A 69 -5.75 -3.42 2.70
CA VAL A 69 -6.25 -2.85 3.91
C VAL A 69 -7.33 -1.86 3.59
N ASN A 70 -8.56 -2.22 3.90
CA ASN A 70 -9.67 -1.35 3.60
C ASN A 70 -10.98 -2.06 3.93
N ASP A 71 -12.08 -1.64 3.28
CA ASP A 71 -13.40 -2.24 3.53
C ASP A 71 -14.02 -1.67 4.79
N ASN A 1 16.31 -15.00 -0.49
CA ASN A 1 17.34 -15.98 -0.06
C ASN A 1 18.13 -15.41 1.10
N LEU A 2 18.67 -14.22 0.91
CA LEU A 2 19.46 -13.56 1.95
C LEU A 2 18.59 -13.28 3.18
N THR A 3 17.35 -12.86 2.93
CA THR A 3 16.42 -12.55 4.02
C THR A 3 17.04 -11.60 5.03
N LYS A 4 18.07 -10.87 4.61
CA LYS A 4 18.74 -9.94 5.50
C LYS A 4 18.30 -8.51 5.21
N GLN A 5 17.80 -7.82 6.23
CA GLN A 5 17.34 -6.45 6.07
C GLN A 5 17.95 -5.55 7.15
N LYS A 6 18.18 -4.29 6.81
CA LYS A 6 18.76 -3.34 7.76
C LYS A 6 17.83 -3.17 8.96
N GLU A 7 16.54 -3.12 8.69
CA GLU A 7 15.56 -2.95 9.76
C GLU A 7 15.87 -1.73 10.60
N ALA A 8 16.24 -0.63 9.94
CA ALA A 8 16.57 0.60 10.63
C ALA A 8 15.34 1.13 11.38
N VAL A 9 15.57 1.67 12.57
CA VAL A 9 14.47 2.21 13.37
C VAL A 9 13.79 3.36 12.62
N ASN A 10 14.60 4.27 12.08
CA ASN A 10 14.04 5.40 11.35
C ASN A 10 14.48 5.35 9.88
N ASP A 11 13.51 5.49 8.98
CA ASP A 11 13.81 5.45 7.55
C ASP A 11 12.72 6.15 6.74
N LYS A 12 12.92 6.26 5.44
CA LYS A 12 11.96 6.90 4.56
C LYS A 12 12.09 6.35 3.14
N GLY A 13 11.05 6.55 2.33
CA GLY A 13 11.05 6.08 0.97
C GLY A 13 10.00 5.02 0.78
N LYS A 14 10.43 3.77 0.83
CA LYS A 14 9.50 2.69 0.67
C LYS A 14 8.50 2.77 1.80
N ALA A 15 8.99 3.07 2.99
CA ALA A 15 8.13 3.17 4.15
C ALA A 15 7.06 4.26 3.95
N ALA A 16 7.49 5.43 3.52
CA ALA A 16 6.55 6.52 3.28
C ALA A 16 5.58 6.12 2.18
N VAL A 17 6.15 5.60 1.11
CA VAL A 17 5.37 5.19 -0.05
C VAL A 17 4.37 4.11 0.30
N VAL A 18 4.81 3.14 1.07
CA VAL A 18 3.92 2.09 1.50
C VAL A 18 2.86 2.71 2.36
N LYS A 19 3.32 3.55 3.25
CA LYS A 19 2.46 4.22 4.19
C LYS A 19 1.38 4.99 3.48
N VAL A 20 1.69 5.62 2.34
CA VAL A 20 0.64 6.34 1.64
C VAL A 20 -0.28 5.39 0.94
N VAL A 21 0.27 4.25 0.50
CA VAL A 21 -0.54 3.26 -0.16
C VAL A 21 -1.61 2.76 0.82
N GLU A 22 -1.17 2.33 2.01
CA GLU A 22 -2.14 1.89 3.02
C GLU A 22 -2.92 3.09 3.50
N SER A 23 -2.22 4.22 3.60
CA SER A 23 -2.83 5.42 4.11
C SER A 23 -4.20 5.61 3.56
N GLN A 24 -4.35 6.29 2.42
CA GLN A 24 -5.66 6.55 1.92
C GLN A 24 -6.48 5.30 1.74
N ALA A 25 -5.84 4.19 1.41
CA ALA A 25 -6.58 2.99 1.16
C ALA A 25 -7.37 2.52 2.36
N GLU A 26 -6.75 2.42 3.53
CA GLU A 26 -7.49 1.99 4.70
C GLU A 26 -8.71 2.82 4.82
N LEU A 27 -8.55 4.11 4.61
CA LEU A 27 -9.68 4.96 4.70
C LEU A 27 -10.59 4.71 3.62
N TYR A 28 -10.15 4.23 2.49
CA TYR A 28 -11.10 4.02 1.46
C TYR A 28 -12.29 3.31 2.06
N SER A 29 -11.99 2.24 2.70
CA SER A 29 -13.01 1.46 3.39
C SER A 29 -13.74 2.33 4.41
N LEU A 30 -13.01 3.19 5.11
CA LEU A 30 -13.66 4.06 6.07
C LEU A 30 -14.62 5.01 5.34
N GLU A 31 -14.09 5.69 4.33
CA GLU A 31 -14.86 6.59 3.51
C GLU A 31 -15.55 5.80 2.35
N LYS A 32 -14.87 5.75 1.18
CA LYS A 32 -15.26 4.94 -0.01
C LYS A 32 -16.35 3.92 0.29
N ASN A 33 -16.01 3.00 1.22
CA ASN A 33 -16.88 1.89 1.62
C ASN A 33 -17.04 0.88 0.46
N GLU A 34 -15.96 0.73 -0.35
CA GLU A 34 -15.97 -0.21 -1.47
C GLU A 34 -14.73 -0.01 -2.33
N ASP A 35 -13.75 -0.88 -2.19
CA ASP A 35 -12.54 -0.76 -2.98
C ASP A 35 -11.62 -1.97 -2.77
N ALA A 36 -11.07 -2.04 -1.56
CA ALA A 36 -10.18 -3.14 -1.15
C ALA A 36 -9.56 -3.91 -2.28
N SER A 37 -8.62 -3.23 -2.92
CA SER A 37 -7.86 -3.80 -3.98
C SER A 37 -7.12 -2.71 -4.71
N LEU A 38 -5.92 -2.41 -4.24
CA LEU A 38 -5.12 -1.39 -4.89
C LEU A 38 -4.75 -1.81 -6.30
N ARG A 39 -5.39 -2.81 -6.81
CA ARG A 39 -5.18 -3.24 -8.12
C ARG A 39 -5.98 -2.32 -9.00
N LYS A 40 -7.06 -1.85 -8.37
CA LYS A 40 -8.02 -0.95 -8.94
C LYS A 40 -7.81 0.52 -8.60
N LEU A 41 -7.52 0.78 -7.31
CA LEU A 41 -7.31 2.13 -6.89
C LEU A 41 -6.06 2.62 -7.52
N GLN A 42 -5.06 1.77 -7.52
CA GLN A 42 -3.85 2.09 -8.16
C GLN A 42 -4.02 1.82 -9.63
N ALA A 43 -4.90 0.85 -9.96
CA ALA A 43 -5.10 0.51 -11.37
C ALA A 43 -4.71 1.67 -12.20
N ASP A 44 -5.45 2.76 -12.00
CA ASP A 44 -5.19 4.00 -12.74
C ASP A 44 -3.81 4.51 -12.37
N GLY A 45 -3.56 4.60 -11.08
CA GLY A 45 -2.26 5.01 -10.61
C GLY A 45 -2.29 6.08 -9.52
N ARG A 46 -3.35 6.07 -8.68
CA ARG A 46 -3.41 6.95 -7.55
C ARG A 46 -2.09 6.88 -6.83
N ILE A 47 -1.76 5.60 -6.59
CA ILE A 47 -0.57 5.20 -5.89
C ILE A 47 0.33 4.40 -6.80
N THR A 48 0.33 4.78 -8.09
CA THR A 48 1.14 4.14 -9.15
C THR A 48 1.42 2.63 -8.88
N GLU A 49 1.25 1.84 -9.91
CA GLU A 49 1.40 0.40 -9.79
C GLU A 49 2.74 0.01 -9.22
N GLU A 50 3.70 0.88 -9.32
CA GLU A 50 5.00 0.58 -8.77
C GLU A 50 4.90 0.43 -7.27
N GLN A 51 4.09 1.29 -6.69
CA GLN A 51 3.91 1.32 -5.26
C GLN A 51 2.96 0.26 -4.83
N ALA A 52 1.76 0.26 -5.41
CA ALA A 52 0.75 -0.70 -5.05
C ALA A 52 1.19 -2.08 -5.32
N LYS A 53 1.84 -2.29 -6.43
CA LYS A 53 2.29 -3.59 -6.69
C LYS A 53 3.34 -3.94 -5.66
N ALA A 54 4.16 -2.94 -5.35
CA ALA A 54 5.19 -3.10 -4.36
C ALA A 54 4.53 -3.44 -3.03
N TYR A 55 3.37 -2.84 -2.78
CA TYR A 55 2.67 -3.13 -1.54
C TYR A 55 2.12 -4.52 -1.55
N LYS A 56 1.67 -4.94 -2.71
CA LYS A 56 1.17 -6.29 -2.86
C LYS A 56 2.29 -7.22 -2.46
N GLU A 57 3.48 -6.70 -2.65
CA GLU A 57 4.66 -7.39 -2.28
C GLU A 57 5.00 -7.12 -0.81
N TYR A 58 4.68 -5.95 -0.32
CA TYR A 58 4.99 -5.63 1.06
C TYR A 58 4.15 -6.46 2.02
N HIS A 59 2.86 -6.57 1.74
CA HIS A 59 1.97 -7.32 2.62
C HIS A 59 1.98 -8.83 2.38
N ASP A 60 1.53 -9.21 1.20
CA ASP A 60 1.46 -10.61 0.81
C ASP A 60 2.83 -11.18 0.48
N LYS A 61 3.81 -10.27 0.30
CA LYS A 61 5.17 -10.62 -0.10
C LYS A 61 5.23 -10.56 -1.62
N ASN A 62 4.07 -10.77 -2.27
CA ASN A 62 3.96 -10.70 -3.71
C ASN A 62 2.61 -11.23 -4.20
N GLY A 63 1.95 -12.04 -3.37
CA GLY A 63 0.65 -12.61 -3.73
C GLY A 63 -0.51 -11.80 -3.16
N GLY A 64 -1.60 -12.48 -2.82
CA GLY A 64 -2.77 -11.82 -2.25
C GLY A 64 -3.97 -11.87 -3.19
N ALA A 65 -5.01 -12.58 -2.78
CA ALA A 65 -6.22 -12.69 -3.60
C ALA A 65 -6.91 -11.34 -3.79
N ASN A 66 -7.01 -10.57 -2.69
CA ASN A 66 -7.68 -9.26 -2.75
C ASN A 66 -7.40 -8.43 -1.50
N ARG A 67 -8.05 -7.27 -1.45
CA ARG A 67 -7.93 -6.30 -0.34
C ARG A 67 -6.64 -5.62 -0.36
N LYS A 68 -5.54 -6.38 -0.19
CA LYS A 68 -4.19 -5.81 -0.15
C LYS A 68 -4.21 -4.66 0.81
N VAL A 69 -4.75 -3.54 0.37
CA VAL A 69 -4.88 -2.40 1.21
C VAL A 69 -6.34 -2.17 1.56
N ASN A 70 -6.67 -1.00 2.06
CA ASN A 70 -8.04 -0.71 2.42
C ASN A 70 -8.47 -1.65 3.54
N ASP A 71 -9.77 -1.93 3.63
CA ASP A 71 -10.27 -2.81 4.67
C ASP A 71 -11.78 -2.98 4.52
N ASN A 1 18.28 12.81 0.76
CA ASN A 1 17.74 12.35 2.08
C ASN A 1 18.66 12.80 3.19
N LEU A 2 18.13 13.58 4.12
CA LEU A 2 18.91 14.08 5.25
C LEU A 2 18.82 13.13 6.45
N THR A 3 18.07 12.03 6.29
CA THR A 3 17.88 11.02 7.36
C THR A 3 16.93 11.53 8.45
N LYS A 4 17.14 12.75 8.92
CA LYS A 4 16.29 13.33 9.95
C LYS A 4 16.26 12.44 11.19
N GLN A 5 17.42 11.95 11.61
CA GLN A 5 17.50 11.11 12.80
C GLN A 5 16.57 9.91 12.67
N LYS A 6 16.69 9.19 11.56
CA LYS A 6 15.86 8.02 11.32
C LYS A 6 16.39 6.77 12.04
N GLU A 7 16.81 6.94 13.29
CA GLU A 7 17.33 5.80 14.07
C GLU A 7 16.25 4.73 14.20
N ALA A 8 15.02 5.16 14.48
CA ALA A 8 13.91 4.24 14.63
C ALA A 8 12.58 4.99 14.66
N VAL A 9 12.60 6.21 15.19
CA VAL A 9 11.39 7.02 15.28
C VAL A 9 10.80 7.30 13.90
N ASN A 10 11.66 7.71 12.97
CA ASN A 10 11.20 8.02 11.61
C ASN A 10 11.73 7.00 10.62
N ASP A 11 10.81 6.36 9.90
CA ASP A 11 11.20 5.36 8.90
C ASP A 11 10.68 5.75 7.52
N LYS A 12 11.52 5.57 6.50
CA LYS A 12 11.14 5.89 5.13
C LYS A 12 11.58 4.77 4.20
N GLY A 13 10.67 4.38 3.31
CA GLY A 13 10.95 3.30 2.36
C GLY A 13 9.92 2.21 2.58
N LYS A 14 10.31 1.18 3.32
CA LYS A 14 9.37 0.13 3.63
C LYS A 14 8.26 0.76 4.46
N ALA A 15 8.67 1.76 5.22
CA ALA A 15 7.74 2.53 6.00
C ALA A 15 7.06 3.50 5.01
N ALA A 16 7.01 4.81 5.34
CA ALA A 16 6.43 5.87 4.49
C ALA A 16 5.70 5.39 3.23
N VAL A 17 6.42 4.78 2.27
CA VAL A 17 5.74 4.38 1.04
C VAL A 17 4.61 3.42 1.34
N VAL A 18 4.88 2.36 2.09
CA VAL A 18 3.82 1.41 2.41
C VAL A 18 2.76 2.12 3.20
N LYS A 19 3.23 2.95 4.09
CA LYS A 19 2.38 3.71 4.94
C LYS A 19 1.40 4.57 4.12
N VAL A 20 1.86 5.21 3.04
CA VAL A 20 0.95 6.04 2.24
C VAL A 20 0.04 5.20 1.37
N VAL A 21 0.57 4.10 0.86
CA VAL A 21 -0.24 3.25 0.03
C VAL A 21 -1.40 2.71 0.86
N GLU A 22 -1.07 2.23 2.06
CA GLU A 22 -2.08 1.71 2.97
C GLU A 22 -2.94 2.81 3.51
N SER A 23 -2.33 3.95 3.80
CA SER A 23 -3.06 5.04 4.38
C SER A 23 -3.97 5.76 3.37
N GLN A 24 -3.66 5.66 2.08
CA GLN A 24 -4.52 6.27 1.06
C GLN A 24 -5.71 5.36 0.79
N ALA A 25 -5.37 4.10 0.73
CA ALA A 25 -6.34 3.04 0.52
C ALA A 25 -7.19 2.87 1.76
N GLU A 26 -6.55 3.01 2.89
CA GLU A 26 -7.24 2.88 4.15
C GLU A 26 -8.44 3.78 4.09
N LEU A 27 -8.24 5.02 3.67
CA LEU A 27 -9.38 5.87 3.55
C LEU A 27 -10.24 5.36 2.50
N TYR A 28 -9.69 4.79 1.47
CA TYR A 28 -10.54 4.32 0.46
C TYR A 28 -11.63 3.46 1.14
N SER A 29 -11.21 2.63 2.04
CA SER A 29 -12.14 1.86 2.85
C SER A 29 -13.02 2.80 3.67
N LEU A 30 -12.42 3.87 4.19
CA LEU A 30 -13.18 4.85 4.93
C LEU A 30 -14.27 5.38 4.01
N GLU A 31 -13.85 6.13 3.01
CA GLU A 31 -14.76 6.65 2.03
C GLU A 31 -15.47 5.44 1.32
N LYS A 32 -14.94 5.01 0.13
CA LYS A 32 -15.43 3.79 -0.63
C LYS A 32 -16.39 2.93 0.19
N ASN A 33 -15.92 2.62 1.42
CA ASN A 33 -16.64 1.77 2.38
C ASN A 33 -16.38 0.30 2.07
N GLU A 34 -15.25 0.04 1.42
CA GLU A 34 -14.87 -1.32 1.08
C GLU A 34 -13.37 -1.48 1.29
N ASP A 35 -12.96 -2.61 1.83
CA ASP A 35 -11.54 -2.85 2.10
C ASP A 35 -10.77 -3.28 0.84
N ALA A 36 -11.42 -3.13 -0.31
CA ALA A 36 -10.90 -3.50 -1.64
C ALA A 36 -9.40 -3.61 -1.79
N SER A 37 -8.77 -2.89 -2.71
CA SER A 37 -7.36 -3.08 -2.92
C SER A 37 -6.83 -2.24 -4.06
N LEU A 38 -5.56 -2.46 -4.38
CA LEU A 38 -4.92 -1.78 -5.48
C LEU A 38 -5.82 -1.95 -6.69
N ARG A 39 -5.77 -3.13 -7.27
CA ARG A 39 -6.57 -3.53 -8.40
C ARG A 39 -7.39 -2.41 -8.98
N LYS A 40 -8.34 -1.94 -8.21
CA LYS A 40 -9.20 -0.88 -8.64
C LYS A 40 -8.70 0.50 -8.23
N LEU A 41 -8.55 0.66 -6.92
CA LEU A 41 -8.11 1.92 -6.41
C LEU A 41 -6.92 2.35 -7.24
N GLN A 42 -6.02 1.42 -7.47
CA GLN A 42 -4.91 1.63 -8.31
C GLN A 42 -5.34 1.67 -9.75
N ALA A 43 -6.29 0.75 -10.09
CA ALA A 43 -6.75 0.63 -11.49
C ALA A 43 -6.43 1.91 -12.24
N ASP A 44 -7.32 2.89 -12.07
CA ASP A 44 -7.16 4.18 -12.75
C ASP A 44 -5.84 4.81 -12.36
N GLY A 45 -5.49 4.78 -11.08
CA GLY A 45 -4.23 5.34 -10.69
C GLY A 45 -4.01 5.43 -9.17
N ARG A 46 -4.41 6.60 -8.60
CA ARG A 46 -4.26 7.04 -7.15
C ARG A 46 -3.18 6.32 -6.28
N ILE A 47 -2.42 5.44 -6.85
CA ILE A 47 -1.31 4.75 -6.21
C ILE A 47 -0.50 4.12 -7.33
N THR A 48 -0.51 4.83 -8.48
CA THR A 48 0.15 4.42 -9.72
C THR A 48 0.34 2.91 -9.85
N GLU A 49 1.20 2.50 -10.75
CA GLU A 49 1.40 1.09 -10.97
C GLU A 49 2.37 0.46 -9.98
N GLU A 50 3.34 1.23 -9.52
CA GLU A 50 4.33 0.68 -8.61
C GLU A 50 3.80 0.59 -7.21
N GLN A 51 3.99 1.65 -6.42
CA GLN A 51 3.58 1.74 -5.02
C GLN A 51 2.61 0.68 -4.58
N ALA A 52 1.61 0.36 -5.38
CA ALA A 52 0.65 -0.62 -5.02
C ALA A 52 1.14 -2.00 -5.28
N LYS A 53 1.59 -2.28 -6.49
CA LYS A 53 2.06 -3.60 -6.72
C LYS A 53 3.23 -3.82 -5.80
N ALA A 54 4.03 -2.80 -5.73
CA ALA A 54 5.16 -2.79 -4.87
C ALA A 54 4.67 -3.00 -3.45
N TYR A 55 3.51 -2.40 -3.13
CA TYR A 55 2.94 -2.58 -1.81
C TYR A 55 2.60 -4.01 -1.56
N LYS A 56 1.95 -4.64 -2.53
CA LYS A 56 1.57 -6.01 -2.40
C LYS A 56 2.79 -6.76 -1.91
N GLU A 57 3.85 -6.57 -2.65
CA GLU A 57 5.14 -7.17 -2.33
C GLU A 57 5.64 -6.71 -0.95
N TYR A 58 5.34 -5.49 -0.63
CA TYR A 58 5.76 -4.90 0.65
C TYR A 58 5.07 -5.59 1.82
N HIS A 59 3.75 -5.65 1.75
CA HIS A 59 2.98 -6.29 2.82
C HIS A 59 2.93 -7.79 2.67
N ASP A 60 2.11 -8.22 1.72
CA ASP A 60 1.88 -9.61 1.44
C ASP A 60 3.06 -10.25 0.77
N LYS A 61 3.95 -9.45 0.20
CA LYS A 61 5.01 -10.01 -0.53
C LYS A 61 4.40 -10.67 -1.75
N ASN A 62 3.53 -9.88 -2.37
CA ASN A 62 2.82 -10.23 -3.56
C ASN A 62 1.93 -11.47 -3.38
N GLY A 63 1.07 -11.44 -2.37
CA GLY A 63 0.16 -12.55 -2.12
C GLY A 63 -0.97 -12.53 -3.15
N GLY A 64 -1.84 -13.54 -3.10
CA GLY A 64 -2.95 -13.62 -4.04
C GLY A 64 -4.30 -13.46 -3.35
N ALA A 65 -4.58 -12.25 -2.89
CA ALA A 65 -5.84 -11.98 -2.21
C ALA A 65 -6.17 -10.49 -2.25
N ASN A 66 -7.45 -10.15 -2.08
CA ASN A 66 -7.89 -8.76 -2.09
C ASN A 66 -7.53 -8.10 -0.77
N ARG A 67 -8.02 -6.88 -0.60
CA ARG A 67 -7.78 -6.06 0.58
C ARG A 67 -6.45 -5.48 0.56
N LYS A 68 -5.41 -6.34 0.66
CA LYS A 68 -4.02 -5.88 0.67
C LYS A 68 -3.90 -4.58 1.41
N VAL A 69 -4.22 -3.50 0.72
CA VAL A 69 -4.21 -2.23 1.34
C VAL A 69 -5.55 -1.99 2.02
N ASN A 70 -6.02 -0.75 2.06
CA ASN A 70 -7.31 -0.49 2.65
C ASN A 70 -7.38 -1.01 4.08
N ASP A 71 -8.60 -1.07 4.63
CA ASP A 71 -8.78 -1.56 5.99
C ASP A 71 -10.25 -1.48 6.40
N ASN A 1 19.22 15.21 15.35
CA ASN A 1 17.91 15.53 16.00
C ASN A 1 17.00 14.31 15.95
N LEU A 2 17.45 13.21 16.56
CA LEU A 2 16.67 11.99 16.58
C LEU A 2 16.18 11.69 17.99
N THR A 3 14.92 11.27 18.11
CA THR A 3 14.34 10.95 19.40
C THR A 3 14.05 9.45 19.54
N LYS A 4 14.35 8.68 18.49
CA LYS A 4 14.10 7.24 18.52
C LYS A 4 15.41 6.47 18.73
N GLN A 5 15.40 5.59 19.72
CA GLN A 5 16.58 4.78 20.03
C GLN A 5 16.22 3.30 20.07
N LYS A 6 17.17 2.45 19.69
CA LYS A 6 16.94 1.01 19.69
C LYS A 6 15.88 0.67 18.65
N GLU A 7 16.00 -0.49 18.01
CA GLU A 7 15.03 -0.87 16.99
C GLU A 7 14.97 0.20 15.90
N ALA A 8 16.13 0.60 15.42
CA ALA A 8 16.22 1.64 14.39
C ALA A 8 15.48 1.23 13.12
N VAL A 9 14.88 2.21 12.47
CA VAL A 9 14.13 1.97 11.25
C VAL A 9 14.58 2.93 10.14
N ASN A 10 14.25 2.59 8.90
CA ASN A 10 14.65 3.43 7.77
C ASN A 10 13.68 4.60 7.57
N ASP A 11 12.73 4.74 8.47
CA ASP A 11 11.75 5.83 8.39
C ASP A 11 11.07 5.86 7.01
N LYS A 12 11.46 6.82 6.16
CA LYS A 12 10.85 6.93 4.84
C LYS A 12 11.33 5.82 3.91
N GLY A 13 10.68 5.72 2.75
CA GLY A 13 11.04 4.69 1.77
C GLY A 13 9.96 3.64 1.69
N LYS A 14 10.35 2.37 1.71
CA LYS A 14 9.38 1.31 1.63
C LYS A 14 8.38 1.41 2.78
N ALA A 15 8.79 2.04 3.88
CA ALA A 15 7.89 2.19 5.02
C ALA A 15 6.86 3.30 4.78
N ALA A 16 7.34 4.51 4.57
CA ALA A 16 6.46 5.65 4.31
C ALA A 16 5.66 5.45 3.04
N VAL A 17 6.34 4.92 2.04
CA VAL A 17 5.66 4.71 0.77
C VAL A 17 4.48 3.78 1.00
N VAL A 18 4.74 2.64 1.61
CA VAL A 18 3.67 1.71 1.89
C VAL A 18 2.62 2.38 2.74
N LYS A 19 3.08 3.18 3.66
CA LYS A 19 2.18 3.87 4.56
C LYS A 19 1.23 4.78 3.80
N VAL A 20 1.70 5.46 2.75
CA VAL A 20 0.80 6.32 2.02
C VAL A 20 -0.18 5.51 1.19
N VAL A 21 0.15 4.25 0.88
CA VAL A 21 -0.79 3.44 0.13
C VAL A 21 -1.79 2.81 1.09
N GLU A 22 -1.32 2.25 2.22
CA GLU A 22 -2.25 1.67 3.19
C GLU A 22 -3.10 2.76 3.73
N SER A 23 -2.47 3.83 4.19
CA SER A 23 -3.22 4.90 4.81
C SER A 23 -4.21 5.56 3.86
N GLN A 24 -3.83 5.82 2.60
CA GLN A 24 -4.77 6.46 1.70
C GLN A 24 -5.92 5.53 1.41
N ALA A 25 -5.60 4.24 1.40
CA ALA A 25 -6.58 3.21 1.16
C ALA A 25 -7.41 2.94 2.38
N GLU A 26 -6.83 3.14 3.54
CA GLU A 26 -7.54 2.92 4.75
C GLU A 26 -8.75 3.79 4.71
N LEU A 27 -8.57 5.02 4.28
CA LEU A 27 -9.70 5.87 4.15
C LEU A 27 -10.52 5.41 3.06
N TYR A 28 -9.91 4.84 2.04
CA TYR A 28 -10.73 4.43 0.98
C TYR A 28 -11.85 3.60 1.58
N SER A 29 -11.45 2.71 2.42
CA SER A 29 -12.37 1.91 3.20
C SER A 29 -13.35 2.83 3.92
N LEU A 30 -12.80 3.86 4.60
CA LEU A 30 -13.64 4.82 5.30
C LEU A 30 -14.60 5.47 4.33
N GLU A 31 -14.06 6.33 3.48
CA GLU A 31 -14.84 6.97 2.46
C GLU A 31 -15.30 5.87 1.47
N LYS A 32 -14.59 5.73 0.32
CA LYS A 32 -14.77 4.64 -0.73
C LYS A 32 -15.65 3.42 -0.28
N ASN A 33 -15.61 3.11 1.03
CA ASN A 33 -16.32 1.97 1.65
C ASN A 33 -15.50 0.68 1.56
N GLU A 34 -15.13 0.27 0.37
CA GLU A 34 -14.36 -0.94 0.21
C GLU A 34 -13.63 -0.94 -1.11
N ASP A 35 -12.80 0.08 -1.31
CA ASP A 35 -12.03 0.19 -2.53
C ASP A 35 -11.11 -1.00 -2.66
N ALA A 36 -10.52 -1.37 -1.52
CA ALA A 36 -9.55 -2.47 -1.42
C ALA A 36 -8.82 -2.82 -2.67
N SER A 37 -8.07 -3.89 -2.54
CA SER A 37 -7.11 -4.33 -3.52
C SER A 37 -6.43 -3.16 -4.26
N LEU A 38 -5.09 -3.24 -4.30
CA LEU A 38 -4.31 -2.26 -5.01
C LEU A 38 -4.87 -2.25 -6.36
N ARG A 39 -5.13 -3.45 -6.79
CA ARG A 39 -5.67 -3.71 -8.09
C ARG A 39 -6.62 -2.61 -8.44
N LYS A 40 -7.44 -2.24 -7.47
CA LYS A 40 -8.42 -1.21 -7.67
C LYS A 40 -7.86 0.22 -7.50
N LEU A 41 -7.00 0.46 -6.51
CA LEU A 41 -6.45 1.82 -6.37
C LEU A 41 -5.78 2.09 -7.68
N GLN A 42 -4.96 1.12 -8.01
CA GLN A 42 -4.23 1.09 -9.21
C GLN A 42 -5.18 1.12 -10.36
N ALA A 43 -6.30 0.44 -10.18
CA ALA A 43 -7.26 0.36 -11.25
C ALA A 43 -7.61 1.75 -11.70
N ASP A 44 -7.82 2.60 -10.71
CA ASP A 44 -8.16 4.00 -10.96
C ASP A 44 -7.00 4.90 -10.60
N GLY A 45 -5.80 4.32 -10.54
CA GLY A 45 -4.61 5.11 -10.25
C GLY A 45 -4.17 5.10 -8.76
N ARG A 46 -4.36 6.28 -8.11
CA ARG A 46 -3.94 6.58 -6.73
C ARG A 46 -2.84 5.68 -6.15
N ILE A 47 -1.86 5.35 -6.99
CA ILE A 47 -0.65 4.56 -6.64
C ILE A 47 -0.10 3.82 -7.83
N THR A 48 -0.77 3.93 -8.98
CA THR A 48 -0.35 3.23 -10.20
C THR A 48 0.34 1.88 -9.86
N GLU A 49 0.89 1.18 -10.81
CA GLU A 49 1.46 -0.14 -10.47
C GLU A 49 2.89 -0.09 -9.95
N GLU A 50 3.46 1.08 -9.86
CA GLU A 50 4.85 1.19 -9.41
C GLU A 50 4.99 1.01 -7.90
N GLN A 51 4.29 1.85 -7.15
CA GLN A 51 4.35 1.78 -5.72
C GLN A 51 3.36 0.80 -5.21
N ALA A 52 2.28 0.62 -5.95
CA ALA A 52 1.32 -0.31 -5.52
C ALA A 52 1.97 -1.64 -5.55
N LYS A 53 2.78 -1.90 -6.59
CA LYS A 53 3.50 -3.16 -6.63
C LYS A 53 4.44 -3.23 -5.49
N ALA A 54 4.88 -2.08 -5.03
CA ALA A 54 5.71 -2.08 -3.87
C ALA A 54 4.87 -2.73 -2.80
N TYR A 55 3.56 -2.39 -2.81
CA TYR A 55 2.64 -2.96 -1.83
C TYR A 55 2.14 -4.34 -2.25
N LYS A 56 2.04 -4.58 -3.52
CA LYS A 56 1.61 -5.86 -3.97
C LYS A 56 2.70 -6.83 -3.62
N GLU A 57 3.91 -6.27 -3.38
CA GLU A 57 5.01 -7.06 -2.93
C GLU A 57 4.95 -7.04 -1.41
N TYR A 58 4.28 -6.01 -0.85
CA TYR A 58 4.12 -5.95 0.58
C TYR A 58 3.41 -7.21 0.94
N HIS A 59 2.35 -7.50 0.16
CA HIS A 59 1.55 -8.70 0.35
C HIS A 59 2.25 -9.94 -0.20
N ASP A 60 2.59 -9.92 -1.49
CA ASP A 60 3.19 -11.08 -2.11
C ASP A 60 4.34 -11.52 -1.27
N LYS A 61 5.14 -10.57 -0.82
CA LYS A 61 6.24 -10.93 0.01
C LYS A 61 5.76 -11.07 1.45
N ASN A 62 4.64 -10.40 1.75
CA ASN A 62 4.12 -10.44 3.09
C ASN A 62 2.63 -10.05 3.18
N GLY A 63 1.74 -11.04 2.97
CA GLY A 63 0.28 -10.80 3.03
C GLY A 63 -0.53 -12.06 2.68
N GLY A 64 -1.85 -11.88 2.53
CA GLY A 64 -2.73 -13.00 2.20
C GLY A 64 -3.07 -13.04 0.70
N ALA A 65 -4.02 -12.19 0.27
CA ALA A 65 -4.43 -12.16 -1.14
C ALA A 65 -5.01 -10.78 -1.53
N ASN A 66 -6.35 -10.67 -1.66
CA ASN A 66 -6.99 -9.39 -2.01
C ASN A 66 -6.99 -8.47 -0.81
N ARG A 67 -7.58 -7.30 -1.02
CA ARG A 67 -7.67 -6.26 0.00
C ARG A 67 -6.40 -5.57 0.10
N LYS A 68 -5.36 -6.33 0.47
CA LYS A 68 -4.01 -5.80 0.68
C LYS A 68 -4.08 -4.50 1.42
N VAL A 69 -4.56 -3.46 0.76
CA VAL A 69 -4.70 -2.22 1.40
C VAL A 69 -6.15 -2.02 1.79
N ASN A 70 -6.51 -0.82 2.17
CA ASN A 70 -7.90 -0.56 2.47
C ASN A 70 -8.42 -1.45 3.59
N ASP A 71 -9.75 -1.58 3.70
CA ASP A 71 -10.35 -2.40 4.75
C ASP A 71 -11.87 -2.41 4.61
N ASN A 1 22.33 -13.38 -10.29
CA ASN A 1 21.27 -12.37 -10.54
C ASN A 1 20.05 -12.70 -9.68
N LEU A 2 19.45 -11.68 -9.08
CA LEU A 2 18.27 -11.88 -8.23
C LEU A 2 18.59 -12.80 -7.05
N THR A 3 19.09 -12.22 -5.96
CA THR A 3 19.42 -13.00 -4.78
C THR A 3 18.79 -12.39 -3.53
N LYS A 4 18.68 -13.20 -2.48
CA LYS A 4 18.08 -12.73 -1.22
C LYS A 4 19.02 -13.02 -0.05
N GLN A 5 18.93 -12.19 0.98
CA GLN A 5 19.79 -12.36 2.16
C GLN A 5 18.96 -12.42 3.44
N LYS A 6 19.46 -13.18 4.41
CA LYS A 6 18.77 -13.34 5.69
C LYS A 6 18.89 -12.06 6.52
N GLU A 7 17.89 -11.82 7.37
CA GLU A 7 17.89 -10.63 8.21
C GLU A 7 17.94 -9.36 7.36
N ALA A 8 17.15 -9.36 6.29
CA ALA A 8 17.09 -8.22 5.40
C ALA A 8 16.59 -6.96 6.12
N VAL A 9 15.61 -7.16 7.02
CA VAL A 9 15.03 -6.04 7.77
C VAL A 9 14.44 -5.02 6.80
N ASN A 10 14.33 -3.76 7.22
CA ASN A 10 13.76 -2.73 6.36
C ASN A 10 14.28 -1.34 6.74
N ASP A 11 13.84 -0.34 5.99
CA ASP A 11 14.24 1.04 6.23
C ASP A 11 13.23 2.00 5.61
N LYS A 12 13.39 3.30 5.87
CA LYS A 12 12.46 4.28 5.31
C LYS A 12 12.40 4.15 3.80
N GLY A 13 11.63 5.03 3.17
CA GLY A 13 11.47 4.99 1.72
C GLY A 13 10.31 4.11 1.37
N LYS A 14 10.61 2.88 0.94
CA LYS A 14 9.55 1.97 0.61
C LYS A 14 8.62 1.87 1.81
N ALA A 15 9.20 1.97 3.00
CA ALA A 15 8.42 1.91 4.22
C ALA A 15 7.41 3.06 4.26
N ALA A 16 7.87 4.28 3.97
CA ALA A 16 7.01 5.44 3.94
C ALA A 16 6.21 5.49 2.65
N VAL A 17 6.52 4.55 1.76
CA VAL A 17 5.79 4.41 0.53
C VAL A 17 4.63 3.51 0.80
N VAL A 18 4.89 2.54 1.68
CA VAL A 18 3.88 1.62 2.11
C VAL A 18 2.86 2.39 2.92
N LYS A 19 3.36 3.31 3.71
CA LYS A 19 2.52 4.11 4.60
C LYS A 19 1.55 4.96 3.81
N VAL A 20 1.98 5.57 2.70
CA VAL A 20 1.06 6.38 1.94
C VAL A 20 0.00 5.51 1.26
N VAL A 21 0.41 4.32 0.79
CA VAL A 21 -0.56 3.43 0.15
C VAL A 21 -1.49 2.84 1.19
N GLU A 22 -0.93 2.32 2.29
CA GLU A 22 -1.80 1.79 3.33
C GLU A 22 -2.71 2.90 3.71
N SER A 23 -2.18 4.13 3.67
CA SER A 23 -3.01 5.25 3.93
C SER A 23 -3.96 5.34 2.73
N GLN A 24 -3.81 6.35 1.83
CA GLN A 24 -4.67 6.51 0.64
C GLN A 24 -5.63 5.32 0.39
N ALA A 25 -5.04 4.18 0.09
CA ALA A 25 -5.84 3.00 -0.23
C ALA A 25 -6.79 2.68 0.91
N GLU A 26 -6.31 2.67 2.14
CA GLU A 26 -7.19 2.40 3.26
C GLU A 26 -8.39 3.28 3.18
N LEU A 27 -8.20 4.54 2.79
CA LEU A 27 -9.32 5.41 2.73
C LEU A 27 -10.16 5.11 1.58
N TYR A 28 -9.67 4.32 0.67
CA TYR A 28 -10.48 3.96 -0.41
C TYR A 28 -11.70 3.36 0.26
N SER A 29 -11.41 2.44 1.20
CA SER A 29 -12.43 1.81 2.06
C SER A 29 -12.94 2.72 3.17
N LEU A 30 -12.16 3.70 3.62
CA LEU A 30 -12.69 4.56 4.65
C LEU A 30 -13.91 5.21 4.10
N GLU A 31 -13.80 5.70 2.87
CA GLU A 31 -14.94 6.28 2.24
C GLU A 31 -15.83 5.11 1.73
N LYS A 32 -15.45 4.46 0.57
CA LYS A 32 -16.08 3.20 0.05
C LYS A 32 -16.93 2.49 1.10
N ASN A 33 -16.22 2.27 2.23
CA ASN A 33 -16.70 1.52 3.40
C ASN A 33 -16.45 0.01 3.19
N GLU A 34 -16.67 -0.45 1.96
CA GLU A 34 -16.53 -1.87 1.62
C GLU A 34 -15.18 -2.41 2.08
N ASP A 35 -14.19 -2.52 1.19
CA ASP A 35 -12.93 -3.03 1.64
C ASP A 35 -11.80 -3.05 0.56
N ALA A 36 -12.01 -3.83 -0.51
CA ALA A 36 -11.04 -3.97 -1.64
C ALA A 36 -9.61 -3.53 -1.34
N SER A 37 -8.89 -3.15 -2.41
CA SER A 37 -7.52 -2.76 -2.26
C SER A 37 -6.91 -2.25 -3.56
N LEU A 38 -5.66 -1.87 -3.43
CA LEU A 38 -4.83 -1.33 -4.51
C LEU A 38 -5.35 -1.64 -5.90
N ARG A 39 -5.53 -2.90 -6.20
CA ARG A 39 -5.95 -3.29 -7.52
C ARG A 39 -6.92 -2.34 -8.11
N LYS A 40 -7.88 -1.92 -7.31
CA LYS A 40 -8.91 -1.03 -7.78
C LYS A 40 -8.63 0.46 -7.53
N LEU A 41 -8.30 0.82 -6.30
CA LEU A 41 -8.05 2.22 -6.02
C LEU A 41 -6.90 2.65 -6.86
N GLN A 42 -5.88 1.83 -6.88
CA GLN A 42 -4.74 2.07 -7.67
C GLN A 42 -5.10 1.85 -9.11
N ALA A 43 -5.96 0.84 -9.37
CA ALA A 43 -6.36 0.54 -10.76
C ALA A 43 -6.20 1.75 -11.62
N ASP A 44 -6.87 2.81 -11.17
CA ASP A 44 -6.88 4.09 -11.89
C ASP A 44 -5.47 4.67 -11.95
N GLY A 45 -4.80 4.67 -10.81
CA GLY A 45 -3.45 5.16 -10.76
C GLY A 45 -3.20 6.12 -9.59
N ARG A 46 -4.20 6.23 -8.67
CA ARG A 46 -4.03 7.07 -7.47
C ARG A 46 -2.63 6.86 -6.95
N ILE A 47 -2.51 5.82 -6.14
CA ILE A 47 -1.27 5.43 -5.54
C ILE A 47 -0.35 4.79 -6.53
N THR A 48 -0.27 5.36 -7.75
CA THR A 48 0.60 4.84 -8.82
C THR A 48 0.90 3.35 -8.66
N GLU A 49 0.80 2.64 -9.74
CA GLU A 49 0.98 1.22 -9.66
C GLU A 49 2.32 0.83 -9.09
N GLU A 50 3.29 1.72 -9.14
CA GLU A 50 4.61 1.37 -8.62
C GLU A 50 4.59 1.07 -7.10
N GLN A 51 4.03 1.97 -6.30
CA GLN A 51 4.00 1.74 -4.87
C GLN A 51 3.00 0.67 -4.58
N ALA A 52 1.88 0.71 -5.28
CA ALA A 52 0.86 -0.25 -5.09
C ALA A 52 1.41 -1.60 -5.45
N LYS A 53 2.47 -1.60 -6.25
CA LYS A 53 3.10 -2.83 -6.57
C LYS A 53 3.95 -3.20 -5.42
N ALA A 54 4.56 -2.18 -4.84
CA ALA A 54 5.39 -2.36 -3.68
C ALA A 54 4.52 -2.92 -2.56
N TYR A 55 3.25 -2.49 -2.51
CA TYR A 55 2.38 -2.99 -1.45
C TYR A 55 1.77 -4.31 -1.86
N LYS A 56 1.49 -4.47 -3.13
CA LYS A 56 1.02 -5.75 -3.62
C LYS A 56 2.11 -6.73 -3.26
N GLU A 57 3.32 -6.21 -3.37
CA GLU A 57 4.51 -6.92 -3.01
C GLU A 57 4.56 -7.04 -1.50
N TYR A 58 4.11 -6.01 -0.79
CA TYR A 58 4.15 -6.06 0.68
C TYR A 58 3.40 -7.30 1.14
N HIS A 59 2.19 -7.47 0.61
CA HIS A 59 1.33 -8.61 0.94
C HIS A 59 1.79 -9.89 0.23
N ASP A 60 2.05 -9.77 -1.07
CA ASP A 60 2.46 -10.90 -1.87
C ASP A 60 3.72 -11.45 -1.29
N LYS A 61 4.56 -10.54 -0.81
CA LYS A 61 5.79 -10.95 -0.20
C LYS A 61 5.49 -12.03 0.79
N ASN A 62 4.37 -11.82 1.47
CA ASN A 62 3.96 -12.72 2.48
C ASN A 62 2.43 -12.78 2.59
N GLY A 63 1.84 -13.73 1.86
CA GLY A 63 0.38 -13.91 1.85
C GLY A 63 -0.25 -13.29 0.60
N GLY A 64 -1.56 -13.52 0.41
CA GLY A 64 -2.26 -12.97 -0.75
C GLY A 64 -3.77 -12.98 -0.56
N ALA A 65 -4.46 -12.05 -1.24
CA ALA A 65 -5.92 -11.95 -1.16
C ALA A 65 -6.41 -10.68 -1.85
N ASN A 66 -7.70 -10.37 -1.73
CA ASN A 66 -8.26 -9.16 -2.34
C ASN A 66 -8.19 -8.02 -1.35
N ARG A 67 -7.28 -8.11 -0.40
CA ARG A 67 -7.10 -7.09 0.57
C ARG A 67 -5.71 -7.11 1.06
N LYS A 68 -5.36 -6.00 1.57
CA LYS A 68 -4.05 -5.73 2.01
C LYS A 68 -4.11 -4.41 2.74
N VAL A 69 -4.92 -3.52 2.16
CA VAL A 69 -5.16 -2.25 2.73
C VAL A 69 -6.60 -2.21 3.14
N ASN A 70 -7.11 -1.04 3.46
CA ASN A 70 -8.52 -0.92 3.79
C ASN A 70 -8.94 -1.86 4.91
N ASP A 71 -10.27 -2.05 5.08
CA ASP A 71 -10.78 -2.93 6.13
C ASP A 71 -12.31 -2.87 6.18
N ASN A 1 2.46 -10.04 13.33
CA ASN A 1 3.37 -10.00 14.50
C ASN A 1 4.71 -9.40 14.09
N LEU A 2 5.04 -8.25 14.66
CA LEU A 2 6.30 -7.59 14.34
C LEU A 2 6.79 -6.76 15.52
N THR A 3 8.08 -6.49 15.55
CA THR A 3 8.67 -5.69 16.64
C THR A 3 9.54 -4.58 16.07
N LYS A 4 9.80 -3.56 16.89
CA LYS A 4 10.64 -2.45 16.45
C LYS A 4 11.78 -2.23 17.43
N GLN A 5 12.94 -1.83 16.89
CA GLN A 5 14.11 -1.59 17.73
C GLN A 5 14.05 -0.19 18.36
N LYS A 6 14.75 -0.02 19.46
CA LYS A 6 14.77 1.26 20.16
C LYS A 6 15.32 2.37 19.25
N GLU A 7 16.39 2.05 18.53
CA GLU A 7 17.02 3.02 17.64
C GLU A 7 16.07 3.41 16.51
N ALA A 8 16.19 4.64 16.03
CA ALA A 8 15.34 5.12 14.95
C ALA A 8 16.11 6.07 14.04
N VAL A 9 15.68 6.16 12.79
CA VAL A 9 16.35 7.03 11.83
C VAL A 9 15.33 7.90 11.10
N ASN A 10 15.83 8.93 10.42
CA ASN A 10 14.96 9.85 9.69
C ASN A 10 14.85 9.45 8.22
N ASP A 11 15.37 8.28 7.88
CA ASP A 11 15.33 7.80 6.51
C ASP A 11 13.89 7.60 6.06
N LYS A 12 13.63 7.86 4.78
CA LYS A 12 12.27 7.71 4.25
C LYS A 12 12.33 7.26 2.79
N GLY A 13 11.21 6.72 2.30
CA GLY A 13 11.15 6.26 0.92
C GLY A 13 10.12 5.18 0.78
N LYS A 14 10.59 3.96 0.52
CA LYS A 14 9.69 2.85 0.35
C LYS A 14 8.80 2.72 1.57
N ALA A 15 9.33 3.09 2.74
CA ALA A 15 8.53 3.01 3.95
C ALA A 15 7.37 4.00 3.87
N ALA A 16 7.70 5.26 3.64
CA ALA A 16 6.70 6.32 3.53
C ALA A 16 5.76 6.05 2.38
N VAL A 17 6.32 5.54 1.29
CA VAL A 17 5.49 5.23 0.14
C VAL A 17 4.46 4.22 0.59
N VAL A 18 4.94 3.16 1.20
CA VAL A 18 4.06 2.13 1.67
C VAL A 18 3.04 2.72 2.61
N LYS A 19 3.50 3.59 3.49
CA LYS A 19 2.64 4.21 4.45
C LYS A 19 1.54 5.01 3.79
N VAL A 20 1.83 5.72 2.70
CA VAL A 20 0.76 6.46 2.05
C VAL A 20 -0.16 5.52 1.32
N VAL A 21 0.39 4.42 0.82
CA VAL A 21 -0.44 3.45 0.13
C VAL A 21 -1.44 2.85 1.13
N GLU A 22 -0.92 2.38 2.27
CA GLU A 22 -1.78 1.82 3.31
C GLU A 22 -2.70 2.89 3.83
N SER A 23 -2.11 4.02 4.15
CA SER A 23 -2.84 5.11 4.76
C SER A 23 -4.00 5.67 3.93
N GLN A 24 -3.85 5.87 2.61
CA GLN A 24 -4.97 6.40 1.87
C GLN A 24 -6.01 5.32 1.68
N ALA A 25 -5.53 4.11 1.51
CA ALA A 25 -6.39 2.96 1.31
C ALA A 25 -7.20 2.66 2.54
N GLU A 26 -6.58 2.79 3.69
CA GLU A 26 -7.29 2.55 4.91
C GLU A 26 -8.52 3.40 4.90
N LEU A 27 -8.37 4.66 4.55
CA LEU A 27 -9.55 5.47 4.49
C LEU A 27 -10.33 5.13 3.31
N TYR A 28 -9.73 4.57 2.29
CA TYR A 28 -10.57 4.27 1.20
C TYR A 28 -11.62 3.36 1.77
N SER A 29 -11.17 2.35 2.51
CA SER A 29 -12.03 1.47 3.27
C SER A 29 -13.12 2.27 3.98
N LEU A 30 -12.72 3.40 4.56
CA LEU A 30 -13.67 4.28 5.22
C LEU A 30 -14.65 4.86 4.18
N GLU A 31 -14.07 5.39 3.11
CA GLU A 31 -14.81 5.98 2.02
C GLU A 31 -15.36 4.86 1.08
N LYS A 32 -14.50 4.40 0.15
CA LYS A 32 -14.79 3.34 -0.85
C LYS A 32 -16.17 2.70 -0.80
N ASN A 33 -16.49 2.07 0.30
CA ASN A 33 -17.73 1.34 0.43
C ASN A 33 -17.76 0.10 -0.54
N GLU A 34 -16.70 -0.06 -1.40
CA GLU A 34 -16.62 -1.20 -2.35
C GLU A 34 -15.50 -0.97 -3.38
N ASP A 35 -14.31 -1.51 -3.10
CA ASP A 35 -13.16 -1.37 -4.03
C ASP A 35 -11.83 -1.90 -3.43
N ALA A 36 -11.96 -2.47 -2.24
CA ALA A 36 -10.85 -3.07 -1.52
C ALA A 36 -9.89 -3.72 -2.42
N SER A 37 -8.76 -3.04 -2.57
CA SER A 37 -7.69 -3.51 -3.38
C SER A 37 -6.86 -2.36 -3.88
N LEU A 38 -5.56 -2.52 -3.79
CA LEU A 38 -4.70 -1.55 -4.37
C LEU A 38 -5.05 -1.53 -5.80
N ARG A 39 -5.21 -2.73 -6.29
CA ARG A 39 -5.56 -2.97 -7.65
C ARG A 39 -6.52 -1.95 -8.14
N LYS A 40 -7.54 -1.67 -7.35
CA LYS A 40 -8.57 -0.75 -7.77
C LYS A 40 -8.28 0.72 -7.49
N LEU A 41 -7.90 1.09 -6.27
CA LEU A 41 -7.61 2.47 -6.02
C LEU A 41 -6.57 2.87 -7.06
N GLN A 42 -5.57 2.04 -7.17
CA GLN A 42 -4.50 2.18 -8.11
C GLN A 42 -5.02 1.93 -9.52
N ALA A 43 -6.10 1.16 -9.63
CA ALA A 43 -6.66 0.88 -10.96
C ALA A 43 -6.88 2.22 -11.64
N ASP A 44 -7.23 3.20 -10.80
CA ASP A 44 -7.42 4.58 -11.26
C ASP A 44 -6.10 5.31 -11.04
N GLY A 45 -5.05 4.56 -11.31
CA GLY A 45 -3.68 5.00 -11.20
C GLY A 45 -3.44 5.99 -10.06
N ARG A 46 -4.20 5.89 -8.97
CA ARG A 46 -3.94 6.71 -7.80
C ARG A 46 -2.48 6.68 -7.43
N ILE A 47 -2.09 5.46 -7.08
CA ILE A 47 -0.76 5.14 -6.61
C ILE A 47 -0.01 4.28 -7.58
N THR A 48 -0.26 4.49 -8.88
CA THR A 48 0.38 3.71 -9.95
C THR A 48 0.75 2.24 -9.53
N GLU A 49 1.18 1.45 -10.48
CA GLU A 49 1.46 0.05 -10.17
C GLU A 49 2.83 -0.14 -9.54
N GLU A 50 3.68 0.84 -9.62
CA GLU A 50 5.02 0.69 -9.07
C GLU A 50 5.00 0.47 -7.54
N GLN A 51 4.29 1.32 -6.83
CA GLN A 51 4.21 1.22 -5.38
C GLN A 51 3.08 0.33 -4.93
N ALA A 52 2.05 0.20 -5.75
CA ALA A 52 0.92 -0.61 -5.39
C ALA A 52 1.26 -2.05 -5.45
N LYS A 53 2.04 -2.43 -6.46
CA LYS A 53 2.45 -3.80 -6.54
C LYS A 53 3.58 -4.02 -5.57
N ALA A 54 4.38 -2.99 -5.41
CA ALA A 54 5.45 -3.09 -4.44
C ALA A 54 4.79 -3.33 -3.10
N TYR A 55 3.74 -2.56 -2.79
CA TYR A 55 3.08 -2.74 -1.53
C TYR A 55 2.38 -4.04 -1.47
N LYS A 56 1.77 -4.42 -2.56
CA LYS A 56 1.08 -5.66 -2.57
C LYS A 56 2.09 -6.67 -2.11
N GLU A 57 3.18 -6.72 -2.81
CA GLU A 57 4.20 -7.64 -2.48
C GLU A 57 4.62 -7.47 -1.01
N TYR A 58 4.46 -6.27 -0.48
CA TYR A 58 4.75 -6.08 0.93
C TYR A 58 3.74 -6.85 1.76
N HIS A 59 2.48 -6.72 1.35
CA HIS A 59 1.40 -7.39 2.07
C HIS A 59 1.24 -8.86 1.62
N ASP A 60 0.60 -9.01 0.48
CA ASP A 60 0.34 -10.31 -0.11
C ASP A 60 1.57 -10.96 -0.71
N LYS A 61 2.65 -10.18 -0.90
CA LYS A 61 3.83 -10.70 -1.57
C LYS A 61 3.52 -10.81 -3.07
N ASN A 62 2.38 -10.19 -3.43
CA ASN A 62 1.85 -10.13 -4.78
C ASN A 62 1.00 -11.36 -5.07
N GLY A 63 0.48 -11.98 -4.01
CA GLY A 63 -0.38 -13.15 -4.16
C GLY A 63 -1.82 -12.71 -4.42
N GLY A 64 -2.72 -13.68 -4.54
CA GLY A 64 -4.12 -13.36 -4.79
C GLY A 64 -4.77 -12.73 -3.55
N ALA A 65 -5.57 -11.70 -3.77
CA ALA A 65 -6.25 -11.02 -2.67
C ALA A 65 -7.35 -10.11 -3.21
N ASN A 66 -8.27 -9.70 -2.33
CA ASN A 66 -9.37 -8.84 -2.74
C ASN A 66 -9.51 -7.62 -1.85
N ARG A 67 -8.47 -7.30 -1.07
CA ARG A 67 -8.58 -6.13 -0.23
C ARG A 67 -7.27 -5.54 0.08
N LYS A 68 -6.32 -6.40 0.41
CA LYS A 68 -4.95 -6.02 0.76
C LYS A 68 -4.86 -4.79 1.65
N VAL A 69 -5.19 -3.64 1.09
CA VAL A 69 -5.07 -2.41 1.79
C VAL A 69 -6.36 -1.81 2.20
N ASN A 70 -7.47 -2.50 1.97
CA ASN A 70 -8.74 -1.91 2.34
C ASN A 70 -8.97 -0.70 1.47
N ASP A 71 -10.00 -0.74 0.66
CA ASP A 71 -10.23 0.36 -0.23
C ASP A 71 -11.47 0.08 -1.05
N ASN A 1 14.94 2.06 22.81
CA ASN A 1 16.08 1.50 22.04
C ASN A 1 15.90 1.83 20.56
N LEU A 2 15.94 3.12 20.23
CA LEU A 2 15.78 3.56 18.85
C LEU A 2 16.55 4.85 18.59
N THR A 3 16.94 5.06 17.34
CA THR A 3 17.69 6.26 16.97
C THR A 3 17.11 6.90 15.72
N LYS A 4 17.49 8.15 15.48
CA LYS A 4 17.02 8.88 14.31
C LYS A 4 18.07 9.87 13.84
N GLN A 5 17.97 10.27 12.57
CA GLN A 5 18.93 11.22 12.01
C GLN A 5 18.21 12.31 11.21
N LYS A 6 18.78 13.50 11.19
CA LYS A 6 18.19 14.62 10.45
C LYS A 6 18.86 14.77 9.09
N GLU A 7 18.06 14.62 8.03
CA GLU A 7 18.58 14.74 6.67
C GLU A 7 18.35 16.16 6.11
N ALA A 8 17.70 17.01 6.90
CA ALA A 8 17.41 18.38 6.46
C ALA A 8 16.47 18.38 5.26
N VAL A 9 15.88 17.22 4.96
CA VAL A 9 14.96 17.11 3.85
C VAL A 9 13.75 16.27 4.24
N ASN A 10 12.73 16.26 3.40
CA ASN A 10 11.52 15.50 3.69
C ASN A 10 11.85 14.02 3.87
N ASP A 11 11.22 13.40 4.86
CA ASP A 11 11.46 11.98 5.14
C ASP A 11 10.47 11.11 4.37
N LYS A 12 10.97 10.43 3.33
CA LYS A 12 10.11 9.55 2.54
C LYS A 12 10.93 8.40 1.95
N GLY A 13 10.23 7.34 1.55
CA GLY A 13 10.89 6.17 0.99
C GLY A 13 9.92 5.00 0.98
N LYS A 14 10.45 3.81 1.01
CA LYS A 14 9.58 2.63 1.00
C LYS A 14 8.67 2.65 2.22
N ALA A 15 9.20 3.07 3.36
CA ALA A 15 8.39 3.10 4.57
C ALA A 15 7.22 4.09 4.40
N ALA A 16 7.53 5.34 4.09
CA ALA A 16 6.50 6.36 3.89
C ALA A 16 5.61 6.02 2.71
N VAL A 17 6.24 5.57 1.65
CA VAL A 17 5.50 5.23 0.45
C VAL A 17 4.47 4.17 0.79
N VAL A 18 4.91 3.11 1.43
CA VAL A 18 4.01 2.05 1.81
C VAL A 18 2.95 2.62 2.73
N LYS A 19 3.38 3.49 3.61
CA LYS A 19 2.48 4.10 4.59
C LYS A 19 1.39 4.90 3.91
N VAL A 20 1.71 5.63 2.84
CA VAL A 20 0.68 6.39 2.15
C VAL A 20 -0.20 5.46 1.36
N VAL A 21 0.38 4.38 0.85
CA VAL A 21 -0.40 3.42 0.10
C VAL A 21 -1.41 2.77 1.04
N GLU A 22 -0.93 2.27 2.19
CA GLU A 22 -1.82 1.64 3.18
C GLU A 22 -2.80 2.65 3.74
N SER A 23 -2.27 3.79 4.14
CA SER A 23 -3.09 4.81 4.76
C SER A 23 -4.17 5.39 3.84
N GLN A 24 -3.82 5.67 2.59
CA GLN A 24 -4.82 6.24 1.70
C GLN A 24 -5.82 5.17 1.34
N ALA A 25 -5.33 3.95 1.27
CA ALA A 25 -6.15 2.82 0.90
C ALA A 25 -7.13 2.45 2.00
N GLU A 26 -6.61 2.25 3.18
CA GLU A 26 -7.46 1.86 4.27
C GLU A 26 -8.68 2.73 4.24
N LEU A 27 -8.47 4.02 4.01
CA LEU A 27 -9.60 4.90 3.93
C LEU A 27 -10.37 4.65 2.72
N TYR A 28 -9.74 4.28 1.64
CA TYR A 28 -10.53 4.06 0.48
C TYR A 28 -11.78 3.27 0.90
N SER A 29 -11.60 2.23 1.71
CA SER A 29 -12.74 1.49 2.31
C SER A 29 -13.61 2.44 3.13
N LEU A 30 -12.95 3.21 4.00
CA LEU A 30 -13.67 4.17 4.83
C LEU A 30 -14.53 5.03 3.92
N GLU A 31 -13.87 5.85 3.14
CA GLU A 31 -14.56 6.69 2.19
C GLU A 31 -15.31 5.77 1.19
N LYS A 32 -14.71 5.53 -0.02
CA LYS A 32 -15.29 4.63 -1.06
C LYS A 32 -16.52 3.87 -0.64
N ASN A 33 -16.31 2.96 0.33
CA ASN A 33 -17.35 2.05 0.78
C ASN A 33 -17.55 1.03 -0.34
N GLU A 34 -17.37 -0.26 0.00
CA GLU A 34 -17.51 -1.40 -0.92
C GLU A 34 -16.49 -2.49 -0.55
N ASP A 35 -15.27 -2.34 -1.09
CA ASP A 35 -14.19 -3.28 -0.82
C ASP A 35 -12.86 -2.60 -1.06
N ALA A 36 -11.85 -3.41 -1.42
CA ALA A 36 -10.49 -2.97 -1.66
C ALA A 36 -10.28 -1.52 -1.88
N SER A 37 -9.05 -1.21 -1.67
CA SER A 37 -8.57 0.09 -1.85
C SER A 37 -7.37 0.04 -2.76
N LEU A 38 -6.30 -0.58 -2.27
CA LEU A 38 -5.05 -0.65 -2.95
C LEU A 38 -5.17 -0.71 -4.45
N ARG A 39 -5.86 -1.68 -5.00
CA ARG A 39 -5.90 -1.77 -6.43
C ARG A 39 -6.81 -0.75 -7.02
N LYS A 40 -7.72 -0.25 -6.22
CA LYS A 40 -8.68 0.73 -6.69
C LYS A 40 -8.08 2.14 -6.74
N LEU A 41 -7.48 2.59 -5.65
CA LEU A 41 -6.86 3.90 -5.65
C LEU A 41 -5.86 3.93 -6.75
N GLN A 42 -5.21 2.81 -6.87
CA GLN A 42 -4.26 2.60 -7.86
C GLN A 42 -4.99 2.50 -9.19
N ALA A 43 -6.15 1.86 -9.14
CA ALA A 43 -6.96 1.70 -10.33
C ALA A 43 -7.21 3.06 -10.91
N ASP A 44 -7.38 4.02 -10.01
CA ASP A 44 -7.60 5.39 -10.40
C ASP A 44 -6.36 5.82 -11.09
N GLY A 45 -5.24 5.37 -10.52
CA GLY A 45 -3.97 5.64 -11.09
C GLY A 45 -3.04 6.40 -10.15
N ARG A 46 -3.54 6.84 -8.97
CA ARG A 46 -2.71 7.55 -8.00
C ARG A 46 -1.30 6.98 -7.88
N ILE A 47 -1.26 5.76 -7.34
CA ILE A 47 -0.03 5.09 -7.06
C ILE A 47 0.34 4.08 -8.10
N THR A 48 -0.25 4.18 -9.28
CA THR A 48 0.03 3.24 -10.36
C THR A 48 0.39 1.82 -9.85
N GLU A 49 0.68 0.91 -10.73
CA GLU A 49 0.95 -0.45 -10.27
C GLU A 49 2.39 -0.65 -9.79
N GLU A 50 3.27 0.27 -10.07
CA GLU A 50 4.67 0.10 -9.68
C GLU A 50 4.88 0.04 -8.15
N GLN A 51 4.29 0.98 -7.44
CA GLN A 51 4.41 1.00 -6.00
C GLN A 51 3.28 0.23 -5.38
N ALA A 52 2.13 0.21 -6.04
CA ALA A 52 1.01 -0.50 -5.52
C ALA A 52 1.35 -1.94 -5.48
N LYS A 53 2.05 -2.44 -6.51
CA LYS A 53 2.44 -3.80 -6.46
C LYS A 53 3.51 -3.97 -5.45
N ALA A 54 4.31 -2.92 -5.27
CA ALA A 54 5.34 -2.98 -4.27
C ALA A 54 4.64 -3.23 -2.96
N TYR A 55 3.48 -2.61 -2.77
CA TYR A 55 2.79 -2.84 -1.53
C TYR A 55 2.07 -4.17 -1.56
N LYS A 56 1.75 -4.64 -2.75
CA LYS A 56 1.12 -5.92 -2.89
C LYS A 56 2.07 -6.96 -2.42
N GLU A 57 3.34 -6.71 -2.74
CA GLU A 57 4.35 -7.61 -2.35
C GLU A 57 4.82 -7.33 -0.92
N TYR A 58 4.61 -6.12 -0.45
CA TYR A 58 4.97 -5.82 0.93
C TYR A 58 4.06 -6.60 1.85
N HIS A 59 2.77 -6.52 1.57
CA HIS A 59 1.79 -7.21 2.39
C HIS A 59 1.65 -8.68 2.02
N ASP A 60 0.94 -8.90 0.93
CA ASP A 60 0.67 -10.24 0.42
C ASP A 60 1.87 -10.90 -0.18
N LYS A 61 2.91 -10.12 -0.48
CA LYS A 61 4.06 -10.66 -1.17
C LYS A 61 3.62 -10.96 -2.63
N ASN A 62 2.54 -10.26 -3.00
CA ASN A 62 1.93 -10.32 -4.30
C ASN A 62 0.93 -11.48 -4.36
N GLY A 63 1.39 -12.68 -4.72
CA GLY A 63 0.49 -13.83 -4.77
C GLY A 63 -0.74 -13.52 -5.62
N GLY A 64 -1.91 -13.87 -5.08
CA GLY A 64 -3.17 -13.63 -5.77
C GLY A 64 -4.23 -13.07 -4.81
N ALA A 65 -3.77 -12.54 -3.67
CA ALA A 65 -4.70 -11.99 -2.67
C ALA A 65 -5.41 -10.75 -3.22
N ASN A 66 -6.63 -10.52 -2.72
CA ASN A 66 -7.43 -9.39 -3.15
C ASN A 66 -7.61 -8.37 -2.03
N ARG A 67 -6.70 -8.35 -1.05
CA ARG A 67 -6.79 -7.38 0.01
C ARG A 67 -5.55 -7.34 0.81
N LYS A 68 -5.41 -6.22 1.42
CA LYS A 68 -4.28 -5.92 2.16
C LYS A 68 -4.53 -4.73 3.04
N VAL A 69 -5.32 -3.77 2.54
CA VAL A 69 -5.55 -2.59 3.30
C VAL A 69 -6.93 -2.08 3.14
N ASN A 70 -7.89 -2.94 3.34
CA ASN A 70 -9.26 -2.54 3.17
C ASN A 70 -10.16 -3.71 3.51
N ASP A 71 -11.47 -3.53 3.32
CA ASP A 71 -12.37 -4.61 3.66
C ASP A 71 -13.81 -4.23 3.31
N ASN A 1 18.38 4.06 -9.71
CA ASN A 1 17.64 5.28 -9.24
C ASN A 1 16.75 4.92 -8.06
N LEU A 2 17.11 3.86 -7.33
CA LEU A 2 16.33 3.43 -6.18
C LEU A 2 17.09 3.66 -4.88
N THR A 3 16.41 4.25 -3.90
CA THR A 3 17.02 4.51 -2.60
C THR A 3 16.10 4.05 -1.47
N LYS A 4 16.68 3.87 -0.28
CA LYS A 4 15.89 3.43 0.87
C LYS A 4 15.97 4.45 2.00
N GLN A 5 14.83 4.75 2.61
CA GLN A 5 14.79 5.73 3.69
C GLN A 5 14.71 5.03 5.06
N LYS A 6 14.65 3.70 5.07
CA LYS A 6 14.57 2.97 6.33
C LYS A 6 15.60 1.84 6.36
N GLU A 7 16.44 1.83 7.39
CA GLU A 7 17.45 0.80 7.51
C GLU A 7 16.95 -0.34 8.39
N ALA A 8 16.22 0.00 9.46
CA ALA A 8 15.67 -0.99 10.37
C ALA A 8 15.08 -0.31 11.61
N VAL A 9 15.96 0.11 12.51
CA VAL A 9 15.54 0.77 13.75
C VAL A 9 14.80 2.08 13.47
N ASN A 10 15.31 2.85 12.52
CA ASN A 10 14.69 4.13 12.18
C ASN A 10 13.36 3.94 11.46
N ASP A 11 12.66 5.04 11.23
CA ASP A 11 11.35 5.00 10.56
C ASP A 11 11.38 5.70 9.21
N LYS A 12 10.26 5.61 8.50
CA LYS A 12 10.11 6.22 7.17
C LYS A 12 10.94 5.51 6.13
N GLY A 13 10.25 4.95 5.14
CA GLY A 13 10.89 4.21 4.07
C GLY A 13 10.06 3.01 3.71
N LYS A 14 10.52 1.83 4.12
CA LYS A 14 9.77 0.63 3.86
C LYS A 14 8.43 0.76 4.55
N ALA A 15 8.46 1.39 5.73
CA ALA A 15 7.25 1.63 6.49
C ALA A 15 6.40 2.70 5.83
N ALA A 16 6.79 3.97 6.00
CA ALA A 16 6.02 5.09 5.47
C ALA A 16 5.63 4.90 4.01
N VAL A 17 6.48 4.33 3.18
CA VAL A 17 6.10 4.13 1.80
C VAL A 17 4.89 3.23 1.76
N VAL A 18 4.93 2.17 2.54
CA VAL A 18 3.82 1.27 2.58
C VAL A 18 2.61 2.00 3.09
N LYS A 19 2.80 2.79 4.14
CA LYS A 19 1.72 3.51 4.78
C LYS A 19 1.06 4.49 3.84
N VAL A 20 1.81 5.19 3.00
CA VAL A 20 1.12 6.10 2.12
C VAL A 20 0.19 5.29 1.23
N VAL A 21 0.66 4.13 0.81
CA VAL A 21 -0.14 3.27 -0.03
C VAL A 21 -1.36 2.73 0.73
N GLU A 22 -1.15 2.24 1.98
CA GLU A 22 -2.28 1.75 2.76
C GLU A 22 -3.09 2.95 3.18
N SER A 23 -2.54 3.71 4.10
CA SER A 23 -3.19 4.90 4.64
C SER A 23 -3.82 5.83 3.57
N GLN A 24 -3.53 5.61 2.27
CA GLN A 24 -4.23 6.35 1.22
C GLN A 24 -5.57 5.71 0.99
N ALA A 25 -5.47 4.45 0.60
CA ALA A 25 -6.63 3.63 0.30
C ALA A 25 -7.33 3.18 1.56
N GLU A 26 -6.69 3.36 2.69
CA GLU A 26 -7.34 3.02 3.92
C GLU A 26 -8.46 3.95 4.06
N LEU A 27 -8.18 5.23 3.88
CA LEU A 27 -9.25 6.14 3.98
C LEU A 27 -10.20 5.88 2.90
N TYR A 28 -9.76 5.30 1.81
CA TYR A 28 -10.72 5.09 0.81
C TYR A 28 -11.79 4.22 1.46
N SER A 29 -11.37 3.18 2.09
CA SER A 29 -12.27 2.32 2.84
C SER A 29 -12.90 3.07 4.01
N LEU A 30 -12.29 4.16 4.45
CA LEU A 30 -12.91 4.97 5.49
C LEU A 30 -14.17 5.53 4.88
N GLU A 31 -14.01 6.03 3.66
CA GLU A 31 -15.10 6.55 2.89
C GLU A 31 -15.76 5.32 2.17
N LYS A 32 -15.28 5.07 0.93
CA LYS A 32 -15.61 3.87 0.10
C LYS A 32 -16.30 2.72 0.85
N ASN A 33 -15.75 2.43 2.06
CA ASN A 33 -16.21 1.34 2.93
C ASN A 33 -15.56 0.00 2.51
N GLU A 34 -15.81 -0.46 1.30
CA GLU A 34 -15.22 -1.70 0.83
C GLU A 34 -14.84 -1.54 -0.62
N ASP A 35 -13.62 -1.90 -0.94
CA ASP A 35 -13.13 -1.77 -2.30
C ASP A 35 -11.71 -2.31 -2.44
N ALA A 36 -11.04 -2.40 -1.30
CA ALA A 36 -9.65 -2.87 -1.19
C ALA A 36 -9.21 -3.77 -2.28
N SER A 37 -8.00 -3.42 -2.73
CA SER A 37 -7.28 -4.11 -3.76
C SER A 37 -6.41 -3.10 -4.51
N LEU A 38 -5.11 -3.18 -4.29
CA LEU A 38 -4.17 -2.34 -4.97
C LEU A 38 -4.32 -2.52 -6.42
N ARG A 39 -4.89 -3.61 -6.79
CA ARG A 39 -5.06 -3.92 -8.16
C ARG A 39 -6.10 -3.01 -8.74
N LYS A 40 -7.20 -2.93 -8.04
CA LYS A 40 -8.34 -2.17 -8.48
C LYS A 40 -8.27 -0.67 -8.19
N LEU A 41 -7.87 -0.26 -7.00
CA LEU A 41 -7.81 1.15 -6.76
C LEU A 41 -6.78 1.70 -7.71
N GLN A 42 -5.64 1.07 -7.72
CA GLN A 42 -4.62 1.45 -8.59
C GLN A 42 -5.12 1.30 -9.98
N ALA A 43 -5.82 0.18 -10.28
CA ALA A 43 -6.32 -0.03 -11.63
C ALA A 43 -6.60 1.31 -12.29
N ASP A 44 -7.37 2.11 -11.56
CA ASP A 44 -7.76 3.46 -12.01
C ASP A 44 -6.54 4.37 -12.04
N GLY A 45 -5.72 4.25 -11.00
CA GLY A 45 -4.49 4.99 -10.92
C GLY A 45 -4.45 5.98 -9.75
N ARG A 46 -5.27 5.73 -8.70
CA ARG A 46 -5.17 6.53 -7.48
C ARG A 46 -3.69 6.54 -7.16
N ILE A 47 -3.18 5.32 -7.28
CA ILE A 47 -1.80 5.01 -7.09
C ILE A 47 -1.31 4.31 -8.32
N THR A 48 -0.19 4.73 -8.81
CA THR A 48 0.34 4.16 -10.03
C THR A 48 0.66 2.70 -9.82
N GLU A 49 1.14 2.06 -10.86
CA GLU A 49 1.41 0.64 -10.79
C GLU A 49 2.45 0.34 -9.73
N GLU A 50 3.46 1.17 -9.66
CA GLU A 50 4.54 0.96 -8.70
C GLU A 50 3.93 0.81 -7.31
N GLN A 51 4.11 1.79 -6.45
CA GLN A 51 3.64 1.79 -5.05
C GLN A 51 2.52 0.76 -4.72
N ALA A 52 1.65 0.45 -5.67
CA ALA A 52 0.58 -0.52 -5.47
C ALA A 52 1.12 -1.92 -5.68
N LYS A 53 1.86 -2.05 -6.73
CA LYS A 53 2.51 -3.29 -7.04
C LYS A 53 3.61 -3.49 -5.98
N ALA A 54 4.25 -2.39 -5.70
CA ALA A 54 5.30 -2.33 -4.71
C ALA A 54 4.69 -2.70 -3.37
N TYR A 55 3.45 -2.26 -3.13
CA TYR A 55 2.83 -2.60 -1.86
C TYR A 55 2.18 -3.96 -1.96
N LYS A 56 1.96 -4.42 -3.20
CA LYS A 56 1.41 -5.72 -3.39
C LYS A 56 2.42 -6.65 -2.81
N GLU A 57 3.66 -6.41 -3.20
CA GLU A 57 4.79 -7.19 -2.74
C GLU A 57 5.23 -6.79 -1.33
N TYR A 58 4.84 -5.61 -0.86
CA TYR A 58 5.20 -5.26 0.51
C TYR A 58 4.31 -6.06 1.44
N HIS A 59 3.06 -6.20 1.02
CA HIS A 59 2.03 -6.94 1.72
C HIS A 59 2.09 -8.46 1.48
N ASP A 60 2.39 -8.85 0.22
CA ASP A 60 2.45 -10.27 -0.14
C ASP A 60 3.64 -10.91 0.49
N LYS A 61 4.79 -10.27 0.33
CA LYS A 61 5.99 -10.82 0.92
C LYS A 61 5.75 -10.87 2.39
N ASN A 62 5.10 -9.83 2.85
CA ASN A 62 4.73 -9.70 4.23
C ASN A 62 3.80 -10.84 4.63
N GLY A 63 2.90 -11.21 3.71
CA GLY A 63 1.93 -12.28 3.94
C GLY A 63 0.50 -11.75 3.88
N GLY A 64 -0.25 -12.15 2.85
CA GLY A 64 -1.64 -11.70 2.71
C GLY A 64 -2.22 -12.00 1.31
N ALA A 65 -3.41 -11.45 1.05
CA ALA A 65 -4.09 -11.65 -0.24
C ALA A 65 -4.74 -10.33 -0.70
N ASN A 66 -5.94 -10.40 -1.30
CA ASN A 66 -6.64 -9.18 -1.77
C ASN A 66 -6.68 -8.13 -0.68
N ARG A 67 -7.28 -7.02 -1.03
CA ARG A 67 -7.45 -5.88 -0.16
C ARG A 67 -6.22 -5.10 -0.06
N LYS A 68 -5.14 -5.76 0.37
CA LYS A 68 -3.85 -5.13 0.55
C LYS A 68 -4.03 -3.84 1.29
N VAL A 69 -4.54 -2.82 0.60
CA VAL A 69 -4.78 -1.58 1.25
C VAL A 69 -6.25 -1.49 1.60
N ASN A 70 -6.76 -0.29 1.88
CA ASN A 70 -8.17 -0.18 2.19
C ASN A 70 -8.56 -1.07 3.38
N ASP A 71 -9.86 -1.42 3.51
CA ASP A 71 -10.31 -2.25 4.61
C ASP A 71 -11.84 -2.38 4.59
N ASN A 1 9.32 -1.44 -18.90
CA ASN A 1 8.39 -2.51 -18.45
C ASN A 1 9.19 -3.65 -17.83
N LEU A 2 9.51 -3.52 -16.55
CA LEU A 2 10.28 -4.54 -15.85
C LEU A 2 9.40 -5.26 -14.82
N THR A 3 9.28 -6.58 -14.98
CA THR A 3 8.47 -7.38 -14.06
C THR A 3 9.31 -8.43 -13.34
N LYS A 4 10.63 -8.29 -13.40
CA LYS A 4 11.52 -9.24 -12.76
C LYS A 4 12.52 -8.55 -11.83
N GLN A 5 13.03 -9.31 -10.85
CA GLN A 5 14.00 -8.81 -9.87
C GLN A 5 13.32 -7.94 -8.81
N LYS A 6 13.76 -8.11 -7.57
CA LYS A 6 13.22 -7.35 -6.45
C LYS A 6 14.28 -7.16 -5.37
N GLU A 7 14.09 -6.15 -4.51
CA GLU A 7 15.06 -5.88 -3.45
C GLU A 7 14.37 -5.42 -2.16
N ALA A 8 14.83 -5.94 -1.03
CA ALA A 8 14.26 -5.55 0.26
C ALA A 8 15.36 -5.51 1.33
N VAL A 9 15.29 -4.49 2.19
CA VAL A 9 16.29 -4.34 3.25
C VAL A 9 15.63 -3.98 4.58
N ASN A 10 16.38 -4.14 5.67
CA ASN A 10 15.86 -3.82 7.00
C ASN A 10 15.94 -2.32 7.26
N ASP A 11 15.05 -1.57 6.61
CA ASP A 11 15.02 -0.12 6.75
C ASP A 11 13.66 0.42 6.35
N LYS A 12 13.43 1.70 6.62
CA LYS A 12 12.16 2.30 6.28
C LYS A 12 12.19 2.82 4.83
N GLY A 13 11.55 3.96 4.56
CA GLY A 13 11.50 4.48 3.20
C GLY A 13 10.38 3.80 2.51
N LYS A 14 10.61 2.57 2.07
CA LYS A 14 9.56 1.82 1.47
C LYS A 14 8.46 1.72 2.52
N ALA A 15 8.90 1.69 3.79
CA ALA A 15 7.96 1.62 4.89
C ALA A 15 7.06 2.85 4.87
N ALA A 16 7.63 4.04 4.81
CA ALA A 16 6.86 5.27 4.77
C ALA A 16 6.03 5.30 3.50
N VAL A 17 6.59 4.75 2.46
CA VAL A 17 5.90 4.66 1.19
C VAL A 17 4.68 3.78 1.38
N VAL A 18 4.89 2.70 2.10
CA VAL A 18 3.81 1.79 2.40
C VAL A 18 2.77 2.52 3.22
N LYS A 19 3.25 3.33 4.13
CA LYS A 19 2.39 4.07 5.03
C LYS A 19 1.44 4.99 4.26
N VAL A 20 1.91 5.66 3.21
CA VAL A 20 1.00 6.52 2.46
C VAL A 20 -0.05 5.70 1.74
N VAL A 21 0.34 4.56 1.20
CA VAL A 21 -0.62 3.75 0.48
C VAL A 21 -1.56 3.08 1.48
N GLU A 22 -1.03 2.40 2.50
CA GLU A 22 -1.90 1.78 3.50
C GLU A 22 -2.78 2.85 4.03
N SER A 23 -2.27 4.08 4.06
CA SER A 23 -3.10 5.16 4.46
C SER A 23 -4.15 5.26 3.37
N GLN A 24 -4.00 6.18 2.39
CA GLN A 24 -4.98 6.36 1.31
C GLN A 24 -5.86 5.15 1.06
N ALA A 25 -5.25 4.02 0.90
CA ALA A 25 -5.99 2.81 0.64
C ALA A 25 -6.91 2.45 1.80
N GLU A 26 -6.38 2.47 3.02
CA GLU A 26 -7.21 2.17 4.17
C GLU A 26 -8.46 2.93 4.03
N LEU A 27 -8.28 4.18 3.65
CA LEU A 27 -9.39 5.02 3.45
C LEU A 27 -10.21 4.59 2.33
N TYR A 28 -9.59 4.09 1.23
CA TYR A 28 -10.42 3.67 0.13
C TYR A 28 -11.67 3.14 0.77
N SER A 29 -11.56 1.98 1.40
CA SER A 29 -12.69 1.44 2.14
C SER A 29 -13.44 2.60 2.84
N LEU A 30 -12.82 3.22 3.87
CA LEU A 30 -13.46 4.34 4.58
C LEU A 30 -14.29 5.17 3.61
N GLU A 31 -13.63 5.95 2.76
CA GLU A 31 -14.35 6.72 1.78
C GLU A 31 -15.21 5.75 0.92
N LYS A 32 -14.66 5.28 -0.24
CA LYS A 32 -15.31 4.26 -1.12
C LYS A 32 -16.57 3.67 -0.50
N ASN A 33 -16.36 2.99 0.64
CA ASN A 33 -17.40 2.32 1.43
C ASN A 33 -17.79 0.95 0.88
N GLU A 34 -16.90 -0.05 1.18
CA GLU A 34 -17.07 -1.47 0.78
C GLU A 34 -16.29 -1.76 -0.47
N ASP A 35 -14.98 -1.58 -0.39
CA ASP A 35 -14.16 -1.82 -1.54
C ASP A 35 -12.67 -1.90 -1.21
N ALA A 36 -11.97 -2.78 -1.95
CA ALA A 36 -10.50 -2.91 -1.88
C ALA A 36 -9.82 -1.60 -1.68
N SER A 37 -8.53 -1.70 -1.60
CA SER A 37 -7.71 -0.59 -1.51
C SER A 37 -6.65 -0.66 -2.60
N LEU A 38 -5.52 -1.26 -2.29
CA LEU A 38 -4.41 -1.41 -3.18
C LEU A 38 -4.74 -1.60 -4.64
N ARG A 39 -5.61 -2.52 -4.97
CA ARG A 39 -5.91 -2.76 -6.37
C ARG A 39 -6.82 -1.74 -6.89
N LYS A 40 -7.74 -1.37 -6.09
CA LYS A 40 -8.71 -0.41 -6.50
C LYS A 40 -8.15 1.01 -6.56
N LEU A 41 -6.99 1.26 -5.93
CA LEU A 41 -6.41 2.59 -6.08
C LEU A 41 -5.91 2.54 -7.47
N GLN A 42 -5.09 1.51 -7.66
CA GLN A 42 -4.50 1.22 -8.90
C GLN A 42 -5.57 1.29 -9.96
N ALA A 43 -6.72 0.69 -9.67
CA ALA A 43 -7.80 0.66 -10.61
C ALA A 43 -7.97 2.03 -11.22
N ASP A 44 -7.99 3.03 -10.33
CA ASP A 44 -8.07 4.42 -10.72
C ASP A 44 -6.71 5.00 -10.48
N GLY A 45 -5.74 4.27 -11.03
CA GLY A 45 -4.30 4.52 -11.00
C GLY A 45 -3.77 5.57 -10.03
N ARG A 46 -4.43 5.79 -8.90
CA ARG A 46 -3.93 6.73 -7.91
C ARG A 46 -2.42 6.47 -7.72
N ILE A 47 -2.14 5.46 -6.88
CA ILE A 47 -0.78 5.05 -6.57
C ILE A 47 -0.24 4.11 -7.60
N THR A 48 -0.58 4.36 -8.87
CA THR A 48 -0.11 3.56 -10.01
C THR A 48 0.23 2.09 -9.65
N GLU A 49 0.40 1.26 -10.63
CA GLU A 49 0.69 -0.13 -10.35
C GLU A 49 2.18 -0.34 -10.07
N GLU A 50 2.93 0.73 -10.08
CA GLU A 50 4.36 0.64 -9.83
C GLU A 50 4.67 0.56 -8.33
N GLN A 51 4.09 1.47 -7.56
CA GLN A 51 4.28 1.49 -6.13
C GLN A 51 3.22 0.68 -5.43
N ALA A 52 2.12 0.40 -6.13
CA ALA A 52 1.06 -0.38 -5.55
C ALA A 52 1.42 -1.81 -5.68
N LYS A 53 2.07 -2.15 -6.78
CA LYS A 53 2.53 -3.48 -6.94
C LYS A 53 3.78 -3.64 -6.09
N ALA A 54 4.38 -2.50 -5.79
CA ALA A 54 5.48 -2.49 -4.90
C ALA A 54 4.93 -2.70 -3.51
N TYR A 55 3.65 -2.30 -3.32
CA TYR A 55 3.02 -2.53 -2.04
C TYR A 55 2.45 -3.91 -1.98
N LYS A 56 2.06 -4.44 -3.15
CA LYS A 56 1.54 -5.77 -3.19
C LYS A 56 2.50 -6.58 -2.39
N GLU A 57 3.76 -6.56 -2.82
CA GLU A 57 4.77 -7.24 -2.08
C GLU A 57 4.68 -6.71 -0.64
N TYR A 58 5.28 -5.54 -0.39
CA TYR A 58 5.30 -4.90 0.97
C TYR A 58 4.23 -5.48 1.91
N HIS A 59 3.04 -5.80 1.38
CA HIS A 59 2.01 -6.40 2.22
C HIS A 59 2.34 -7.87 2.43
N ASP A 60 2.12 -8.68 1.39
CA ASP A 60 2.45 -10.10 1.45
C ASP A 60 3.96 -10.26 1.37
N LYS A 61 4.46 -9.90 0.19
CA LYS A 61 5.87 -9.91 -0.16
C LYS A 61 5.99 -10.02 -1.67
N ASN A 62 4.94 -10.55 -2.28
CA ASN A 62 4.87 -10.67 -3.72
C ASN A 62 3.62 -11.41 -4.14
N GLY A 63 2.47 -10.76 -4.02
CA GLY A 63 1.20 -11.39 -4.39
C GLY A 63 0.08 -10.37 -4.54
N GLY A 64 -1.08 -10.83 -5.00
CA GLY A 64 -2.22 -9.95 -5.19
C GLY A 64 -3.48 -10.55 -4.57
N ALA A 65 -4.41 -9.70 -4.17
CA ALA A 65 -5.65 -10.16 -3.56
C ALA A 65 -6.73 -9.07 -3.63
N ASN A 66 -7.97 -9.46 -3.36
CA ASN A 66 -9.09 -8.52 -3.38
C ASN A 66 -9.01 -7.55 -2.20
N ARG A 67 -8.01 -7.75 -1.34
CA ARG A 67 -7.79 -6.91 -0.21
C ARG A 67 -6.46 -7.26 0.36
N LYS A 68 -5.99 -6.35 1.10
CA LYS A 68 -4.70 -6.44 1.70
C LYS A 68 -4.67 -5.47 2.82
N VAL A 69 -5.24 -4.33 2.53
CA VAL A 69 -5.33 -3.28 3.45
C VAL A 69 -6.71 -2.76 3.43
N ASN A 70 -7.04 -1.88 4.35
CA ASN A 70 -8.37 -1.30 4.35
C ASN A 70 -9.42 -2.35 4.75
N ASP A 71 -10.71 -2.08 4.49
CA ASP A 71 -11.77 -3.03 4.85
C ASP A 71 -13.13 -2.46 4.48
#